data_2IFG
#
_entry.id   2IFG
#
_cell.length_a   110.215
_cell.length_b   81.681
_cell.length_c   115.748
_cell.angle_alpha   90.00
_cell.angle_beta   104.15
_cell.angle_gamma   90.00
#
_symmetry.space_group_name_H-M   'P 1 21 1'
#
loop_
_entity.id
_entity.type
_entity.pdbx_description
1 polymer 'High affinity nerve growth factor receptor'
2 polymer 'Beta-nerve growth factor'
3 branched 2-acetamido-2-deoxy-alpha-D-glucopyranose-(1-4)-2-acetamido-2-deoxy-beta-D-glucopyranose
4 branched alpha-D-mannopyranose-(1-4)-2-acetamido-2-deoxy-alpha-D-glucopyranose-(1-4)-2-acetamido-2-deoxy-beta-D-glucopyranose
5 branched beta-D-mannopyranose-(1-4)-2-acetamido-2-deoxy-alpha-D-glucopyranose-(1-4)-2-acetamido-2-deoxy-beta-D-glucopyranose
#
loop_
_entity_poly.entity_id
_entity_poly.type
_entity_poly.pdbx_seq_one_letter_code
_entity_poly.pdbx_strand_id
1 'polypeptide(L)'
;CPDACCPHGSSGLRCTRDGALDSLHHLPGAENLTELYIENQQHLQHLELRDLRGLGELRNLTIVKSGLRFVAPDAFHFTP
RLSRLNLSFNALESLSWKTVQGLSLQELVLSGNPLHCSCALRWLQRWEEEGLGGVPEQKLQCHGQGPLAHMPNASCGVPT
LKVQVPNASVDVGDDVLLRCQVEGRGLEQAGWILTELEQSATVMKSGGLPSLGLTLANVTSDLNRKNVTCWAENDVGRAE
VSVQVNVSFPASVQLHTAVEMHHWCIPFSVDGQPAPSLRWLFNGSVLNETSFIFTEFLEPAANETVRHGCLRLNQPTHVN
NGNYTLLAANPFGQASASIMAAFMDNP
;
A,B
2 'polypeptide(L)'
;SSSHPIFHRGEFSVCDSVSVWVGDKTTATDIKGKEVMVLGEVNINNSVFKQYFFETKCRDPNPVDSGCRGIDSKHWNSYC
TTTHTFVKALTMDGKQAAWRFIRIDTACVCVLSRKAVRRA
;
E,F
#
# COMPACT_ATOMS: atom_id res chain seq x y z
N CYS A 1 51.39 -27.25 -11.97
CA CYS A 1 50.02 -27.69 -11.59
C CYS A 1 49.45 -28.75 -12.54
N PRO A 2 49.37 -30.01 -12.08
CA PRO A 2 49.78 -30.44 -10.74
C PRO A 2 51.28 -30.74 -10.67
N ASP A 3 51.84 -30.66 -9.48
CA ASP A 3 53.26 -30.93 -9.25
C ASP A 3 53.60 -30.55 -7.80
N ALA A 4 52.87 -29.56 -7.30
CA ALA A 4 53.05 -29.08 -5.93
C ALA A 4 51.81 -28.28 -5.53
N CYS A 5 50.71 -28.48 -6.27
CA CYS A 5 49.47 -27.77 -5.98
C CYS A 5 48.26 -28.06 -6.88
N CYS A 6 47.26 -27.18 -6.73
CA CYS A 6 46.01 -27.13 -7.47
C CYS A 6 45.02 -28.30 -7.51
N PRO A 7 44.88 -29.06 -6.42
CA PRO A 7 43.92 -30.16 -6.51
C PRO A 7 42.49 -29.59 -6.53
N HIS A 8 41.85 -29.57 -5.37
CA HIS A 8 40.49 -29.06 -5.25
C HIS A 8 39.59 -29.53 -6.40
N GLY A 9 38.99 -28.57 -7.10
CA GLY A 9 38.10 -28.89 -8.21
C GLY A 9 37.42 -27.66 -8.75
N SER A 10 36.63 -26.99 -7.90
CA SER A 10 35.92 -25.78 -8.30
C SER A 10 36.87 -24.60 -8.18
N SER A 11 36.31 -23.42 -7.94
CA SER A 11 37.13 -22.21 -7.78
C SER A 11 38.01 -22.42 -6.56
N GLY A 12 39.18 -23.02 -6.78
CA GLY A 12 40.07 -23.32 -5.68
C GLY A 12 41.50 -23.61 -6.08
N LEU A 13 42.42 -23.00 -5.42
CA LEU A 13 43.84 -23.33 -5.55
C LEU A 13 44.39 -23.90 -4.25
N ARG A 14 44.63 -25.16 -4.27
CA ARG A 14 44.99 -25.87 -3.03
C ARG A 14 46.44 -26.32 -3.06
N CYS A 15 47.23 -25.80 -2.11
CA CYS A 15 48.65 -26.19 -2.01
C CYS A 15 49.06 -26.39 -0.55
N THR A 16 48.34 -27.26 0.15
CA THR A 16 48.71 -27.57 1.53
C THR A 16 49.97 -28.46 1.59
N ARG A 17 51.10 -27.97 1.09
CA ARG A 17 52.35 -28.74 1.12
C ARG A 17 53.62 -27.91 1.36
N ASP A 18 54.09 -27.17 0.36
CA ASP A 18 55.30 -26.38 0.55
C ASP A 18 55.49 -25.24 -0.44
N GLY A 19 56.30 -24.26 -0.05
CA GLY A 19 56.58 -23.10 -0.87
C GLY A 19 56.63 -23.40 -2.36
N ALA A 20 55.88 -22.62 -3.13
CA ALA A 20 55.83 -22.77 -4.58
C ALA A 20 55.12 -21.57 -5.19
N LEU A 21 55.38 -20.40 -4.61
CA LEU A 21 54.78 -19.16 -5.07
C LEU A 21 55.76 -18.38 -5.94
N ASP A 22 57.02 -18.80 -5.93
CA ASP A 22 58.06 -18.15 -6.71
C ASP A 22 57.72 -18.09 -8.19
N SER A 23 56.69 -18.84 -8.60
CA SER A 23 56.28 -18.87 -9.99
C SER A 23 54.78 -19.10 -10.13
N LEU A 24 54.03 -18.75 -9.09
CA LEU A 24 52.58 -18.93 -9.10
C LEU A 24 51.88 -17.66 -9.56
N HIS A 25 52.65 -16.71 -10.06
CA HIS A 25 52.12 -15.44 -10.54
C HIS A 25 52.38 -15.29 -12.03
N HIS A 26 53.34 -16.06 -12.53
CA HIS A 26 53.71 -16.03 -13.94
C HIS A 26 52.78 -16.92 -14.76
N LEU A 27 52.73 -18.21 -14.41
CA LEU A 27 51.88 -19.17 -15.11
C LEU A 27 51.12 -20.06 -14.12
N PRO A 28 50.16 -19.49 -13.39
CA PRO A 28 49.37 -20.26 -12.43
C PRO A 28 48.29 -21.10 -13.09
N GLY A 29 47.62 -20.52 -14.08
CA GLY A 29 46.57 -21.22 -14.79
C GLY A 29 45.32 -20.38 -14.96
N ALA A 30 44.93 -19.69 -13.89
CA ALA A 30 43.75 -18.85 -13.90
C ALA A 30 43.81 -17.83 -12.77
N GLU A 31 44.02 -16.56 -13.13
CA GLU A 31 44.10 -15.49 -12.15
C GLU A 31 43.01 -15.61 -11.09
N ASN A 32 41.83 -16.04 -11.53
CA ASN A 32 40.70 -16.19 -10.63
C ASN A 32 40.84 -17.43 -9.75
N LEU A 33 40.11 -17.42 -8.64
CA LEU A 33 40.09 -18.50 -7.66
C LEU A 33 39.09 -18.04 -6.61
N THR A 34 39.18 -18.56 -5.39
CA THR A 34 38.25 -18.14 -4.37
C THR A 34 38.67 -18.64 -3.00
N GLU A 35 39.46 -19.70 -3.03
CA GLU A 35 40.01 -20.29 -1.81
C GLU A 35 41.49 -20.61 -1.98
N LEU A 36 42.28 -20.21 -1.06
CA LEU A 36 43.71 -20.54 -1.06
C LEU A 36 44.14 -21.18 0.26
N TYR A 37 44.63 -22.39 0.17
CA TYR A 37 45.04 -23.12 1.37
C TYR A 37 46.55 -23.26 1.44
N ILE A 38 47.17 -22.52 2.34
CA ILE A 38 48.62 -22.54 2.48
C ILE A 38 49.02 -22.88 3.93
N GLU A 39 48.21 -23.75 4.51
CA GLU A 39 48.54 -24.31 5.80
C GLU A 39 49.86 -25.03 5.46
N ASN A 40 50.79 -25.06 6.41
CA ASN A 40 52.07 -25.75 6.25
C ASN A 40 53.06 -25.30 5.15
N GLN A 41 54.13 -24.60 5.54
CA GLN A 41 55.15 -24.12 4.60
C GLN A 41 56.39 -23.51 5.27
N GLN A 42 57.55 -24.07 4.98
CA GLN A 42 58.80 -23.59 5.55
C GLN A 42 58.97 -22.09 5.34
N HIS A 43 59.26 -21.69 4.10
CA HIS A 43 59.44 -20.28 3.77
C HIS A 43 58.19 -19.44 4.06
N LEU A 44 58.12 -18.27 3.45
CA LEU A 44 56.99 -17.36 3.64
C LEU A 44 57.01 -16.80 5.05
N GLN A 45 57.89 -15.83 5.28
CA GLN A 45 58.03 -15.19 6.58
C GLN A 45 57.28 -13.87 6.61
N HIS A 46 57.53 -13.04 5.60
CA HIS A 46 56.89 -11.73 5.49
C HIS A 46 55.80 -11.73 4.43
N LEU A 47 54.54 -11.73 4.85
CA LEU A 47 53.45 -11.71 3.88
C LEU A 47 53.24 -10.27 3.47
N GLU A 48 53.38 -9.97 2.18
CA GLU A 48 53.19 -8.61 1.70
C GLU A 48 52.34 -8.55 0.44
N LEU A 49 52.07 -7.32 0.00
CA LEU A 49 51.27 -7.09 -1.19
C LEU A 49 51.82 -7.76 -2.44
N ARG A 50 53.12 -7.99 -2.46
CA ARG A 50 53.77 -8.62 -3.59
C ARG A 50 53.53 -10.14 -3.63
N ASP A 51 53.05 -10.68 -2.52
CA ASP A 51 52.79 -12.12 -2.42
C ASP A 51 51.39 -12.53 -2.89
N LEU A 52 50.48 -11.56 -2.97
CA LEU A 52 49.11 -11.83 -3.42
C LEU A 52 48.88 -11.13 -4.76
N ARG A 53 49.99 -10.74 -5.39
CA ARG A 53 49.96 -10.05 -6.68
C ARG A 53 49.24 -10.89 -7.72
N GLY A 54 47.91 -10.83 -7.72
CA GLY A 54 47.15 -11.59 -8.69
C GLY A 54 45.66 -11.30 -8.61
N LEU A 55 45.31 -10.03 -8.68
CA LEU A 55 43.92 -9.57 -8.62
C LEU A 55 42.91 -10.71 -8.54
N GLY A 56 42.67 -11.20 -7.32
CA GLY A 56 41.74 -12.29 -7.15
C GLY A 56 40.42 -11.93 -6.50
N GLU A 57 39.48 -12.87 -6.56
CA GLU A 57 38.16 -12.71 -5.97
C GLU A 57 38.02 -13.84 -4.96
N LEU A 58 38.90 -13.82 -3.98
CA LEU A 58 38.91 -14.83 -2.94
C LEU A 58 38.08 -14.46 -1.73
N ARG A 59 37.40 -15.46 -1.18
CA ARG A 59 36.57 -15.35 0.01
C ARG A 59 37.18 -16.12 1.17
N ASN A 60 38.01 -17.12 0.91
CA ASN A 60 38.63 -17.89 1.97
C ASN A 60 40.13 -17.97 1.78
N LEU A 61 40.89 -17.54 2.78
CA LEU A 61 42.34 -17.60 2.70
C LEU A 61 42.91 -18.23 3.96
N THR A 62 43.57 -19.37 3.82
CA THR A 62 44.15 -20.05 4.95
C THR A 62 45.68 -19.98 4.90
N ILE A 63 46.23 -19.37 5.92
CA ILE A 63 47.67 -19.21 6.07
C ILE A 63 48.11 -19.67 7.46
N VAL A 64 47.37 -20.68 7.94
CA VAL A 64 47.68 -21.33 9.20
C VAL A 64 48.90 -22.20 8.87
N LYS A 65 49.61 -22.64 9.88
CA LYS A 65 50.79 -23.48 9.69
C LYS A 65 51.76 -22.88 8.68
N SER A 66 52.75 -22.14 9.17
CA SER A 66 53.75 -21.49 8.34
C SER A 66 54.68 -20.68 9.22
N GLY A 67 55.55 -19.89 8.60
CA GLY A 67 56.46 -19.08 9.37
C GLY A 67 55.87 -17.70 9.60
N LEU A 68 55.03 -17.29 8.64
CA LEU A 68 54.34 -16.00 8.67
C LEU A 68 54.42 -15.27 10.00
N ARG A 69 55.50 -14.52 10.19
CA ARG A 69 55.68 -13.77 11.44
C ARG A 69 55.17 -12.35 11.30
N PHE A 70 55.35 -11.75 10.12
CA PHE A 70 54.89 -10.37 9.90
C PHE A 70 53.92 -10.29 8.73
N VAL A 71 52.95 -9.40 8.84
CA VAL A 71 51.96 -9.20 7.78
C VAL A 71 51.82 -7.71 7.52
N ALA A 72 52.66 -7.19 6.63
CA ALA A 72 52.67 -5.77 6.29
C ALA A 72 51.25 -5.24 6.12
N PRO A 73 50.97 -4.08 6.74
CA PRO A 73 49.64 -3.46 6.65
C PRO A 73 49.39 -3.10 5.21
N ASP A 74 49.02 -4.10 4.42
CA ASP A 74 48.78 -3.91 2.99
C ASP A 74 48.29 -5.21 2.39
N ALA A 75 49.09 -6.26 2.57
CA ALA A 75 48.77 -7.59 2.07
C ALA A 75 47.44 -7.58 1.35
N PHE A 76 46.38 -7.84 2.10
CA PHE A 76 45.02 -7.92 1.58
C PHE A 76 44.52 -6.68 0.84
N HIS A 77 45.42 -5.92 0.23
CA HIS A 77 45.04 -4.74 -0.51
C HIS A 77 44.39 -5.15 -1.82
N PHE A 78 44.91 -6.21 -2.43
CA PHE A 78 44.37 -6.70 -3.69
C PHE A 78 42.97 -7.28 -3.50
N THR A 79 42.87 -8.37 -2.73
CA THR A 79 41.58 -9.01 -2.49
C THR A 79 40.65 -8.03 -1.79
N PRO A 80 39.60 -7.45 -2.59
CA PRO A 80 38.59 -6.47 -2.12
C PRO A 80 37.55 -7.05 -1.16
N ARG A 81 37.04 -8.23 -1.48
CA ARG A 81 36.05 -8.87 -0.63
C ARG A 81 36.68 -9.43 0.66
N LEU A 82 36.86 -10.74 0.69
CA LEU A 82 37.41 -11.46 1.83
C LEU A 82 36.50 -11.38 3.06
N SER A 83 35.94 -12.53 3.40
CA SER A 83 35.02 -12.78 4.50
C SER A 83 35.66 -13.64 5.57
N ARG A 84 36.56 -14.52 5.20
CA ARG A 84 37.21 -15.42 6.14
C ARG A 84 38.70 -15.49 5.90
N LEU A 85 39.47 -15.21 6.92
CA LEU A 85 40.92 -15.18 6.83
C LEU A 85 41.46 -15.99 7.99
N ASN A 86 42.11 -17.10 7.67
CA ASN A 86 42.67 -17.93 8.70
C ASN A 86 44.18 -17.90 8.65
N LEU A 87 44.77 -17.26 9.66
CA LEU A 87 46.22 -17.15 9.80
C LEU A 87 46.72 -17.92 11.02
N SER A 88 45.89 -18.82 11.57
CA SER A 88 46.20 -19.62 12.77
C SER A 88 47.45 -20.52 12.83
N PHE A 89 47.68 -21.15 13.98
CA PHE A 89 48.84 -22.03 14.19
C PHE A 89 49.96 -21.52 13.30
N ASN A 90 50.67 -20.49 13.79
CA ASN A 90 51.70 -19.84 12.98
C ASN A 90 52.82 -19.25 13.83
N ALA A 91 53.33 -18.09 13.43
CA ALA A 91 54.39 -17.44 14.18
C ALA A 91 54.24 -15.93 14.17
N LEU A 92 52.98 -15.47 14.21
CA LEU A 92 52.64 -14.04 14.20
C LEU A 92 52.75 -13.42 15.58
N GLU A 93 53.62 -12.42 15.70
CA GLU A 93 53.78 -11.76 17.00
C GLU A 93 52.74 -10.66 17.22
N SER A 94 52.13 -10.21 16.13
CA SER A 94 51.11 -9.17 16.18
C SER A 94 50.52 -8.94 14.79
N LEU A 95 49.30 -8.43 14.75
CA LEU A 95 48.63 -8.14 13.49
C LEU A 95 48.29 -6.66 13.40
N SER A 96 48.99 -5.94 12.53
CA SER A 96 48.76 -4.51 12.35
C SER A 96 47.28 -4.17 12.33
N TRP A 97 46.96 -2.93 12.67
CA TRP A 97 45.56 -2.49 12.69
C TRP A 97 44.98 -2.41 11.29
N LYS A 98 45.63 -1.63 10.44
CA LYS A 98 45.19 -1.43 9.06
C LYS A 98 44.87 -2.76 8.42
N THR A 99 45.76 -3.72 8.63
CA THR A 99 45.64 -5.07 8.10
C THR A 99 44.24 -5.40 7.60
N VAL A 100 43.29 -5.53 8.53
CA VAL A 100 41.91 -5.83 8.16
C VAL A 100 41.39 -4.80 7.16
N GLN A 101 41.23 -3.57 7.62
CA GLN A 101 40.75 -2.48 6.77
C GLN A 101 39.36 -2.73 6.21
N GLY A 102 38.43 -3.02 7.11
CA GLY A 102 37.05 -3.26 6.72
C GLY A 102 36.91 -4.00 5.40
N LEU A 103 36.92 -5.33 5.48
CA LEU A 103 36.78 -6.15 4.29
C LEU A 103 35.50 -6.93 4.48
N SER A 104 34.76 -6.59 5.53
CA SER A 104 33.53 -7.29 5.86
C SER A 104 33.97 -8.70 6.21
N LEU A 105 35.28 -8.84 6.45
CA LEU A 105 35.89 -10.11 6.82
C LEU A 105 34.96 -10.67 7.87
N GLN A 106 34.39 -11.83 7.62
CA GLN A 106 33.43 -12.35 8.58
C GLN A 106 34.11 -13.19 9.65
N GLU A 107 35.14 -13.91 9.28
CA GLU A 107 35.86 -14.74 10.22
C GLU A 107 37.36 -14.51 10.14
N LEU A 108 37.99 -14.33 11.28
CA LEU A 108 39.42 -14.08 11.34
C LEU A 108 40.02 -14.99 12.41
N VAL A 109 40.82 -15.96 11.97
CA VAL A 109 41.46 -16.87 12.91
C VAL A 109 42.90 -16.45 13.18
N LEU A 110 43.20 -16.08 14.42
CA LEU A 110 44.56 -15.67 14.83
C LEU A 110 44.96 -16.44 16.07
N SER A 111 45.53 -17.59 15.73
CA SER A 111 45.69 -18.61 16.75
C SER A 111 46.95 -19.37 16.90
N GLY A 112 47.03 -20.03 18.05
CA GLY A 112 48.22 -20.78 18.36
C GLY A 112 49.28 -19.83 17.87
N ASN A 113 49.06 -18.52 18.10
CA ASN A 113 50.08 -17.58 17.63
C ASN A 113 50.74 -16.90 18.77
N PRO A 114 51.99 -16.53 18.67
CA PRO A 114 52.70 -15.85 19.76
C PRO A 114 51.93 -14.68 20.36
N LEU A 115 51.40 -13.77 19.55
CA LEU A 115 50.38 -12.77 19.98
C LEU A 115 50.72 -12.01 21.24
N HIS A 116 51.79 -11.22 21.17
CA HIS A 116 52.17 -10.34 22.26
C HIS A 116 51.27 -9.09 22.37
N CYS A 117 50.67 -8.94 23.55
CA CYS A 117 49.67 -7.90 23.78
C CYS A 117 50.23 -6.46 23.94
N SER A 118 50.11 -5.70 22.86
CA SER A 118 50.47 -4.28 22.83
C SER A 118 49.19 -3.48 22.81
N CYS A 119 49.32 -2.16 22.79
CA CYS A 119 48.19 -1.29 22.44
C CYS A 119 47.64 -1.60 21.05
N ALA A 120 48.52 -1.90 20.09
CA ALA A 120 48.13 -2.22 18.71
C ALA A 120 47.17 -3.41 18.57
N LEU A 121 46.73 -3.95 19.70
CA LEU A 121 45.80 -5.07 19.74
C LEU A 121 44.46 -4.71 20.34
N ARG A 122 44.34 -3.47 20.84
CA ARG A 122 43.06 -3.00 21.34
C ARG A 122 42.03 -3.27 20.28
N TRP A 123 42.37 -3.09 18.99
CA TRP A 123 41.35 -3.35 17.96
C TRP A 123 40.84 -4.76 18.03
N LEU A 124 41.73 -5.68 18.27
CA LEU A 124 41.34 -7.08 18.39
C LEU A 124 40.47 -7.17 19.60
N GLN A 125 40.95 -6.49 20.63
CA GLN A 125 40.29 -6.40 21.91
C GLN A 125 38.83 -6.10 21.67
N ARG A 126 38.57 -5.01 20.94
CA ARG A 126 37.22 -4.54 20.65
C ARG A 126 36.49 -5.58 19.84
N TRP A 127 37.13 -6.15 18.83
CA TRP A 127 36.42 -7.10 17.99
C TRP A 127 35.86 -8.21 18.84
N GLU A 128 36.39 -8.37 20.05
CA GLU A 128 35.99 -9.44 20.94
C GLU A 128 34.68 -9.07 21.64
N GLU A 129 34.74 -7.99 22.39
CA GLU A 129 33.60 -7.45 23.15
C GLU A 129 32.42 -7.15 22.21
N GLU A 130 32.75 -6.48 21.11
CA GLU A 130 31.82 -6.20 20.04
C GLU A 130 31.27 -7.50 19.53
N GLY A 131 32.06 -8.56 19.67
CA GLY A 131 31.64 -9.90 19.28
C GLY A 131 31.44 -10.03 17.77
N LEU A 132 32.37 -9.45 16.99
CA LEU A 132 32.18 -9.17 15.57
C LEU A 132 32.77 -10.20 14.63
N GLY A 133 34.10 -10.26 14.57
CA GLY A 133 34.80 -11.05 13.56
C GLY A 133 34.76 -12.54 13.84
N GLY A 134 34.04 -12.89 14.89
CA GLY A 134 33.97 -14.25 15.32
C GLY A 134 35.26 -14.50 16.00
N VAL A 135 35.68 -13.55 16.81
CA VAL A 135 36.82 -13.74 17.67
C VAL A 135 36.42 -14.47 18.93
N PRO A 136 35.40 -14.00 19.63
CA PRO A 136 35.11 -14.49 20.97
C PRO A 136 35.48 -15.95 21.17
N GLU A 137 34.77 -16.87 20.56
CA GLU A 137 34.92 -18.30 20.82
C GLU A 137 36.35 -18.89 20.85
N GLN A 138 37.34 -18.18 20.27
CA GLN A 138 38.70 -18.71 20.22
C GLN A 138 39.53 -18.61 21.51
N LYS A 139 39.21 -17.69 22.41
CA LYS A 139 39.95 -17.59 23.67
C LYS A 139 41.40 -17.14 23.45
N LEU A 140 41.58 -16.13 22.62
CA LEU A 140 42.92 -15.69 22.33
C LEU A 140 43.62 -15.19 23.59
N GLN A 141 44.93 -15.42 23.72
CA GLN A 141 45.71 -14.97 24.90
C GLN A 141 47.01 -14.23 24.54
N CYS A 142 47.70 -13.62 25.50
CA CYS A 142 49.00 -12.93 25.21
C CYS A 142 50.33 -13.73 25.33
N HIS A 143 51.17 -13.70 24.29
CA HIS A 143 52.52 -14.36 24.23
C HIS A 143 53.34 -13.94 25.40
N GLY A 144 54.46 -14.65 25.62
CA GLY A 144 55.32 -14.35 26.74
C GLY A 144 54.38 -14.69 27.86
N GLN A 145 53.20 -14.08 27.73
CA GLN A 145 52.08 -14.26 28.58
C GLN A 145 51.87 -13.32 29.73
N GLY A 146 50.75 -12.63 29.56
CA GLY A 146 50.13 -11.67 30.45
C GLY A 146 48.76 -11.94 29.83
N PRO A 147 48.55 -13.22 29.48
CA PRO A 147 47.57 -14.10 28.87
C PRO A 147 46.36 -13.80 28.09
N LEU A 148 45.51 -12.81 28.34
CA LEU A 148 44.44 -12.84 27.37
C LEU A 148 43.52 -11.69 27.11
N ALA A 149 42.39 -12.07 26.55
CA ALA A 149 41.31 -11.18 26.22
C ALA A 149 40.77 -10.61 27.52
N HIS A 150 41.71 -10.02 28.25
CA HIS A 150 41.57 -9.30 29.51
C HIS A 150 42.59 -8.31 29.00
N MET A 151 43.17 -7.48 29.84
CA MET A 151 44.20 -6.56 29.36
C MET A 151 44.11 -5.15 29.88
N PRO A 152 45.27 -4.54 30.16
CA PRO A 152 45.20 -3.16 30.64
C PRO A 152 44.30 -2.56 29.58
N ASN A 153 43.44 -1.66 29.99
CA ASN A 153 42.48 -1.15 29.04
C ASN A 153 42.56 0.33 28.71
N ALA A 154 42.35 1.16 29.72
CA ALA A 154 42.36 2.60 29.55
C ALA A 154 43.72 3.18 29.20
N SER A 155 44.79 2.41 29.39
CA SER A 155 46.09 2.97 29.10
C SER A 155 46.30 3.11 27.61
N CYS A 156 45.43 2.45 26.83
CA CYS A 156 45.42 2.48 25.35
C CYS A 156 44.34 3.37 24.79
N GLY A 157 44.77 4.32 23.96
CA GLY A 157 43.87 5.26 23.35
C GLY A 157 44.25 5.77 21.96
N VAL A 158 43.19 5.98 21.17
CA VAL A 158 43.20 6.74 19.91
C VAL A 158 43.68 8.18 20.18
N PRO A 159 43.78 9.02 19.16
CA PRO A 159 44.24 10.39 19.37
C PRO A 159 43.13 11.44 19.57
N THR A 160 43.54 12.52 20.23
CA THR A 160 42.70 13.63 20.62
C THR A 160 42.71 14.66 19.52
N LEU A 161 41.58 15.37 19.34
CA LEU A 161 41.44 16.31 18.22
C LEU A 161 40.70 17.66 18.32
N LYS A 162 41.47 18.74 18.19
CA LYS A 162 40.98 20.10 18.29
C LYS A 162 41.42 20.82 17.05
N VAL A 163 40.53 21.67 16.53
CA VAL A 163 40.84 22.53 15.38
C VAL A 163 40.44 23.95 15.74
N GLN A 164 41.40 24.88 15.74
CA GLN A 164 41.11 26.23 16.16
C GLN A 164 40.76 26.97 14.92
N VAL A 165 39.51 27.39 14.81
CA VAL A 165 39.07 28.33 13.79
C VAL A 165 39.58 29.71 14.20
N PRO A 166 39.58 30.69 13.31
CA PRO A 166 39.97 32.04 13.72
C PRO A 166 38.99 32.48 14.79
N ASN A 167 39.42 33.42 15.64
CA ASN A 167 38.57 33.98 16.72
C ASN A 167 37.46 34.86 16.13
N ALA A 168 37.83 35.62 15.11
CA ALA A 168 36.96 36.61 14.52
C ALA A 168 36.07 36.07 13.42
N SER A 169 34.84 36.59 13.35
CA SER A 169 33.88 36.26 12.30
C SER A 169 34.56 36.48 11.01
N VAL A 170 33.98 35.94 9.95
CA VAL A 170 34.58 36.01 8.61
C VAL A 170 33.67 36.68 7.60
N ASP A 171 34.29 37.45 6.70
CA ASP A 171 33.54 38.08 5.63
C ASP A 171 34.15 37.66 4.33
N VAL A 172 33.32 37.66 3.31
CA VAL A 172 33.74 37.12 2.05
C VAL A 172 35.05 37.77 1.60
N GLY A 173 35.78 37.10 0.71
CA GLY A 173 37.05 37.60 0.23
C GLY A 173 38.07 37.89 1.31
N ASP A 174 38.09 37.07 2.38
CA ASP A 174 39.10 37.07 3.41
C ASP A 174 39.97 35.81 3.29
N ASP A 175 41.02 35.73 4.10
CA ASP A 175 41.70 34.46 4.26
C ASP A 175 41.19 33.85 5.57
N VAL A 176 41.23 32.53 5.68
CA VAL A 176 40.91 31.81 6.90
C VAL A 176 41.91 30.70 7.11
N LEU A 177 42.75 30.88 8.11
CA LEU A 177 43.79 29.93 8.41
C LEU A 177 43.43 29.20 9.68
N LEU A 178 43.79 27.92 9.70
CA LEU A 178 43.48 27.09 10.85
C LEU A 178 44.39 25.90 10.98
N ARG A 179 44.49 25.41 12.21
CA ARG A 179 45.43 24.36 12.54
C ARG A 179 44.67 23.18 13.13
N CYS A 180 45.20 21.97 12.90
CA CYS A 180 44.69 20.72 13.44
C CYS A 180 45.80 20.14 14.31
N GLN A 181 45.57 20.11 15.63
CA GLN A 181 46.54 19.62 16.62
C GLN A 181 46.08 18.25 17.10
N VAL A 182 46.90 17.25 16.82
CA VAL A 182 46.62 15.88 17.22
C VAL A 182 47.54 15.49 18.37
N GLU A 183 46.96 15.09 19.48
CA GLU A 183 47.75 14.70 20.63
C GLU A 183 47.42 13.28 21.01
N GLY A 184 48.47 12.49 21.06
CA GLY A 184 48.42 11.09 21.47
C GLY A 184 49.83 10.55 21.59
N ARG A 185 49.93 9.25 21.87
CA ARG A 185 51.24 8.62 22.01
C ARG A 185 51.50 7.50 21.00
N GLY A 186 50.52 7.15 20.19
CA GLY A 186 50.78 6.34 19.02
C GLY A 186 51.66 7.07 18.02
N LEU A 187 51.04 7.86 17.13
CA LEU A 187 51.72 8.79 16.18
C LEU A 187 52.18 8.16 14.86
N GLU A 188 51.36 8.26 13.82
CA GLU A 188 51.75 7.75 12.49
C GLU A 188 51.51 8.77 11.36
N GLN A 189 50.42 8.62 10.62
CA GLN A 189 50.11 9.49 9.49
C GLN A 189 49.11 10.54 9.91
N ALA A 190 49.04 11.61 9.12
CA ALA A 190 47.99 12.62 9.27
C ALA A 190 47.73 13.33 7.93
N GLY A 191 46.64 14.09 7.85
CA GLY A 191 46.24 14.79 6.61
C GLY A 191 44.78 15.27 6.56
N TRP A 192 44.54 16.49 6.07
CA TRP A 192 43.18 17.03 6.00
C TRP A 192 42.38 16.37 4.90
N ILE A 193 41.06 16.36 5.05
CA ILE A 193 40.16 15.99 3.96
C ILE A 193 39.27 17.16 3.57
N LEU A 194 39.41 17.61 2.33
CA LEU A 194 38.61 18.67 1.75
C LEU A 194 37.57 17.99 0.84
N THR A 195 36.29 18.08 1.19
CA THR A 195 35.25 17.45 0.39
C THR A 195 34.80 18.46 -0.64
N GLU A 196 35.59 18.61 -1.68
CA GLU A 196 35.28 19.52 -2.78
C GLU A 196 35.21 20.96 -2.34
N LEU A 197 36.37 21.59 -2.29
CA LEU A 197 36.47 23.01 -2.04
C LEU A 197 36.87 23.71 -3.34
N GLU A 198 36.04 23.51 -4.37
CA GLU A 198 36.27 24.18 -5.65
C GLU A 198 36.16 25.71 -5.55
N GLN A 199 35.33 26.21 -4.62
CA GLN A 199 35.08 27.65 -4.47
C GLN A 199 35.90 28.31 -3.32
N SER A 200 37.20 28.40 -3.60
CA SER A 200 38.28 28.92 -2.72
C SER A 200 39.66 28.30 -3.13
N ALA A 201 40.77 28.98 -2.80
CA ALA A 201 42.13 28.46 -3.03
C ALA A 201 42.79 27.97 -1.72
N THR A 202 42.95 26.64 -1.56
CA THR A 202 43.46 26.04 -0.33
C THR A 202 44.93 25.84 -0.40
N VAL A 203 45.59 25.89 0.74
CA VAL A 203 47.05 25.77 0.81
C VAL A 203 47.43 25.15 2.14
N MET A 204 47.78 23.87 2.08
CA MET A 204 48.05 23.11 3.28
C MET A 204 49.56 22.88 3.39
N LYS A 205 49.96 21.69 3.84
CA LYS A 205 51.37 21.34 4.04
C LYS A 205 52.05 22.37 4.92
N SER A 206 51.25 23.17 5.62
CA SER A 206 51.79 24.22 6.46
C SER A 206 52.21 23.67 7.82
N GLY A 207 52.24 22.34 7.96
CA GLY A 207 52.62 21.68 9.21
C GLY A 207 53.22 20.26 9.15
N GLY A 208 53.76 19.81 10.28
CA GLY A 208 54.29 18.47 10.44
C GLY A 208 53.31 17.57 11.17
N LEU A 209 53.61 17.25 12.42
CA LEU A 209 52.76 16.36 13.19
C LEU A 209 52.14 16.88 14.50
N PRO A 210 52.79 17.76 15.26
CA PRO A 210 52.09 18.36 16.41
C PRO A 210 50.90 19.23 15.95
N SER A 211 51.08 19.91 14.81
CA SER A 211 50.04 20.76 14.23
C SER A 211 50.03 20.70 12.70
N LEU A 212 48.83 20.76 12.10
CA LEU A 212 48.66 20.75 10.65
C LEU A 212 48.02 22.04 10.18
N GLY A 213 48.77 22.83 9.42
CA GLY A 213 48.26 24.08 8.92
C GLY A 213 47.45 23.94 7.66
N LEU A 214 46.36 24.66 7.62
CA LEU A 214 45.51 24.73 6.47
C LEU A 214 44.97 26.13 6.36
N THR A 215 44.97 26.68 5.15
CA THR A 215 44.51 28.05 4.93
C THR A 215 43.70 28.17 3.67
N LEU A 216 42.56 28.83 3.76
CA LEU A 216 41.65 29.02 2.63
C LEU A 216 41.67 30.48 2.18
N ALA A 217 42.20 30.73 0.99
CA ALA A 217 42.49 32.09 0.61
C ALA A 217 41.44 32.62 -0.34
N ASN A 218 41.13 33.93 -0.23
CA ASN A 218 40.24 34.63 -1.15
C ASN A 218 38.91 33.86 -1.11
N VAL A 219 38.40 33.79 0.11
CA VAL A 219 37.29 32.94 0.45
C VAL A 219 36.00 33.41 -0.23
N THR A 220 35.31 32.54 -0.98
CA THR A 220 33.96 32.86 -1.53
C THR A 220 32.93 32.61 -0.48
N SER A 221 31.68 32.84 -0.80
CA SER A 221 30.67 32.37 0.10
C SER A 221 30.40 30.91 -0.06
N ASP A 222 30.64 30.34 -1.23
CA ASP A 222 30.34 28.90 -1.44
C ASP A 222 31.23 28.01 -0.56
N LEU A 223 31.72 28.55 0.55
CA LEU A 223 32.49 27.79 1.50
C LEU A 223 31.57 27.34 2.57
N ASN A 224 30.37 27.88 2.53
CA ASN A 224 29.47 27.71 3.62
C ASN A 224 28.97 26.26 3.61
N ARG A 225 28.60 25.80 4.78
CA ARG A 225 28.08 24.47 4.94
C ARG A 225 28.99 23.42 4.28
N LYS A 226 30.28 23.50 4.55
CA LYS A 226 31.21 22.56 3.98
C LYS A 226 32.19 22.06 5.01
N ASN A 227 32.00 20.80 5.37
CA ASN A 227 32.83 20.14 6.32
C ASN A 227 34.30 20.24 5.92
N VAL A 228 35.13 20.69 6.84
CA VAL A 228 36.56 20.71 6.68
C VAL A 228 37.11 19.82 7.80
N THR A 229 37.55 18.60 7.44
CA THR A 229 37.91 17.55 8.41
C THR A 229 39.39 17.34 8.51
N CYS A 230 39.90 16.96 9.69
CA CYS A 230 41.28 16.45 9.77
C CYS A 230 41.48 15.04 10.37
N TRP A 231 42.53 14.36 9.88
CA TRP A 231 42.90 12.96 10.17
C TRP A 231 43.59 12.68 11.50
N ALA A 232 43.97 11.41 11.68
CA ALA A 232 44.82 10.98 12.78
C ALA A 232 44.77 9.45 12.90
N GLU A 233 45.94 8.83 12.91
CA GLU A 233 46.01 7.38 13.09
C GLU A 233 47.16 7.11 14.06
N ASN A 234 46.86 6.46 15.18
CA ASN A 234 47.91 6.03 16.11
C ASN A 234 48.15 4.55 15.84
N ASP A 235 49.03 3.93 16.63
CA ASP A 235 49.35 2.52 16.44
C ASP A 235 48.16 1.60 16.72
N VAL A 236 46.93 2.11 16.72
CA VAL A 236 45.74 1.28 16.81
C VAL A 236 44.39 2.00 16.66
N GLY A 237 44.02 2.33 15.42
CA GLY A 237 42.78 3.04 15.15
C GLY A 237 42.98 4.41 14.53
N ARG A 238 41.88 5.13 14.33
CA ARG A 238 41.90 6.46 13.68
C ARG A 238 40.81 7.37 14.20
N ALA A 239 41.14 8.67 14.32
CA ALA A 239 40.19 9.72 14.71
C ALA A 239 40.24 10.87 13.71
N GLU A 240 39.07 11.25 13.21
CA GLU A 240 38.96 12.36 12.31
C GLU A 240 37.92 13.33 12.90
N VAL A 241 38.23 14.62 12.92
CA VAL A 241 37.30 15.66 13.42
C VAL A 241 37.11 16.76 12.37
N SER A 242 35.90 17.29 12.24
CA SER A 242 35.58 18.27 11.18
C SER A 242 34.78 19.50 11.64
N VAL A 243 35.28 20.67 11.24
CA VAL A 243 34.76 21.97 11.61
C VAL A 243 34.13 22.63 10.42
N GLN A 244 33.50 23.80 10.62
CA GLN A 244 32.93 24.59 9.51
C GLN A 244 33.29 26.11 9.51
N VAL A 245 33.12 26.76 8.36
CA VAL A 245 33.72 28.07 8.19
C VAL A 245 32.80 29.22 8.55
N ASN A 246 31.60 29.26 7.97
CA ASN A 246 30.69 30.40 8.17
C ASN A 246 31.35 31.71 7.70
N VAL A 247 30.98 32.11 6.48
CA VAL A 247 31.50 33.33 5.81
C VAL A 247 30.26 34.11 5.54
N SER A 248 30.33 35.43 5.60
CA SER A 248 29.05 36.15 5.62
C SER A 248 28.72 36.98 4.40
N PHE A 249 27.47 36.84 3.96
CA PHE A 249 26.95 37.58 2.82
C PHE A 249 25.58 38.18 3.16
N PRO A 250 25.14 39.18 2.40
CA PRO A 250 23.85 39.88 2.59
C PRO A 250 22.53 39.15 2.28
N ALA A 251 21.48 39.53 3.01
CA ALA A 251 20.15 38.93 2.87
C ALA A 251 19.56 39.07 1.47
N SER A 252 18.71 38.11 1.12
CA SER A 252 18.05 38.05 -0.17
C SER A 252 16.70 37.43 0.21
N VAL A 253 15.64 37.85 -0.48
CA VAL A 253 14.32 37.37 -0.15
C VAL A 253 13.38 37.31 -1.36
N GLN A 254 12.46 36.34 -1.32
CA GLN A 254 11.48 36.24 -2.36
C GLN A 254 10.20 35.57 -1.85
N LEU A 255 9.06 36.01 -2.38
CA LEU A 255 7.76 35.49 -2.01
C LEU A 255 7.13 34.83 -3.23
N HIS A 256 6.20 33.92 -2.99
CA HIS A 256 5.52 33.20 -4.05
C HIS A 256 4.03 33.44 -3.84
N THR A 257 3.25 33.32 -4.92
CA THR A 257 1.81 33.54 -4.85
C THR A 257 1.13 32.55 -3.90
N ALA A 258 0.37 33.09 -2.94
CA ALA A 258 -0.34 32.31 -1.93
C ALA A 258 -1.11 31.10 -2.47
N VAL A 259 -1.02 30.00 -1.73
CA VAL A 259 -1.71 28.77 -2.12
C VAL A 259 -2.43 28.10 -0.94
N GLU A 260 -3.52 27.40 -1.25
CA GLU A 260 -4.36 26.75 -0.25
C GLU A 260 -4.12 25.25 -0.14
N MET A 261 -3.53 24.83 0.97
CA MET A 261 -3.31 23.41 1.19
C MET A 261 -4.25 23.16 2.35
N HIS A 262 -3.77 22.50 3.39
CA HIS A 262 -4.61 22.26 4.55
C HIS A 262 -4.92 23.64 5.12
N HIS A 263 -3.89 24.50 5.18
CA HIS A 263 -4.02 25.87 5.66
C HIS A 263 -3.60 26.63 4.43
N TRP A 264 -3.79 27.95 4.44
CA TRP A 264 -3.34 28.76 3.32
C TRP A 264 -1.86 29.03 3.58
N CYS A 265 -1.08 29.20 2.53
CA CYS A 265 0.33 29.48 2.75
C CYS A 265 0.94 30.41 1.70
N ILE A 266 1.67 31.41 2.21
CA ILE A 266 2.39 32.37 1.36
C ILE A 266 3.83 31.84 1.46
N PRO A 267 4.26 31.11 0.42
CA PRO A 267 5.61 30.54 0.38
C PRO A 267 6.76 31.56 0.27
N PHE A 268 7.79 31.35 1.07
CA PHE A 268 8.92 32.26 1.04
C PHE A 268 10.26 31.53 1.01
N SER A 269 11.25 32.23 0.50
CA SER A 269 12.62 31.75 0.43
C SER A 269 13.52 32.95 0.78
N VAL A 270 14.43 32.71 1.70
CA VAL A 270 15.32 33.75 2.18
C VAL A 270 16.74 33.20 2.30
N ASP A 271 17.73 34.03 2.00
CA ASP A 271 19.10 33.61 2.14
C ASP A 271 19.81 34.71 2.90
N GLY A 272 21.08 34.46 3.22
CA GLY A 272 21.87 35.41 3.97
C GLY A 272 22.58 34.68 5.08
N GLN A 273 23.68 35.27 5.55
CA GLN A 273 24.49 34.71 6.63
C GLN A 273 25.28 35.89 7.24
N PRO A 274 25.02 36.20 8.52
CA PRO A 274 24.05 35.56 9.42
C PRO A 274 22.66 35.44 8.84
N ALA A 275 21.92 34.42 9.30
CA ALA A 275 20.58 34.21 8.81
C ALA A 275 19.75 35.42 9.20
N PRO A 276 18.99 35.99 8.24
CA PRO A 276 18.14 37.16 8.51
C PRO A 276 16.98 36.84 9.45
N SER A 277 16.50 37.89 10.10
CA SER A 277 15.38 37.78 11.00
C SER A 277 14.21 38.14 10.13
N LEU A 278 13.13 37.38 10.23
CA LEU A 278 11.94 37.64 9.43
C LEU A 278 10.93 38.51 10.16
N ARG A 279 10.15 39.27 9.38
CA ARG A 279 9.16 40.20 9.92
C ARG A 279 8.12 40.39 8.83
N TRP A 280 6.85 40.32 9.16
CA TRP A 280 5.82 40.53 8.13
C TRP A 280 5.07 41.84 8.36
N LEU A 281 4.51 42.34 7.28
CA LEU A 281 3.75 43.56 7.28
C LEU A 281 2.53 43.22 6.47
N PHE A 282 1.38 43.72 6.93
CA PHE A 282 0.15 43.51 6.21
C PHE A 282 -0.28 44.92 5.86
N ASN A 283 -0.34 45.20 4.57
CA ASN A 283 -0.70 46.52 4.06
C ASN A 283 0.23 47.62 4.62
N GLY A 284 1.52 47.30 4.75
CA GLY A 284 2.50 48.26 5.21
C GLY A 284 2.68 48.41 6.71
N SER A 285 1.83 47.74 7.47
CA SER A 285 1.93 47.83 8.91
C SER A 285 2.21 46.46 9.45
N VAL A 286 2.99 46.41 10.52
CA VAL A 286 3.37 45.15 11.15
C VAL A 286 2.24 44.16 11.41
N LEU A 287 2.50 42.90 11.07
CA LEU A 287 1.55 41.81 11.26
C LEU A 287 2.02 41.02 12.48
N ASN A 288 1.20 41.00 13.53
CA ASN A 288 1.57 40.26 14.74
C ASN A 288 1.13 38.81 14.55
N GLU A 289 2.08 37.89 14.66
CA GLU A 289 1.74 36.50 14.49
C GLU A 289 0.95 36.03 15.70
N THR A 290 0.04 35.11 15.45
CA THR A 290 -0.81 34.52 16.46
C THR A 290 -0.81 33.05 16.12
N SER A 291 -1.63 32.28 16.79
CA SER A 291 -1.68 30.86 16.50
C SER A 291 -2.33 30.57 15.16
N PHE A 292 -2.97 31.56 14.55
CA PHE A 292 -3.66 31.36 13.27
C PHE A 292 -2.92 31.95 12.08
N ILE A 293 -2.07 32.93 12.34
CA ILE A 293 -1.25 33.54 11.30
C ILE A 293 0.15 33.56 11.87
N PHE A 294 0.99 32.66 11.39
CA PHE A 294 2.35 32.56 11.88
C PHE A 294 3.33 32.15 10.81
N THR A 295 4.60 32.47 11.01
CA THR A 295 5.65 32.13 10.04
C THR A 295 6.13 30.71 10.33
N GLU A 296 6.38 29.94 9.28
CA GLU A 296 6.85 28.58 9.46
C GLU A 296 7.92 28.15 8.48
N PHE A 297 9.02 27.66 9.05
CA PHE A 297 10.17 27.21 8.29
C PHE A 297 10.14 25.70 8.08
N LEU A 298 10.64 25.26 6.93
CA LEU A 298 10.74 23.83 6.69
C LEU A 298 12.10 23.44 7.29
N GLU A 299 12.33 22.15 7.47
CA GLU A 299 13.57 21.64 8.01
C GLU A 299 14.74 22.16 7.14
N PRO A 300 15.88 22.52 7.77
CA PRO A 300 17.00 23.02 6.94
C PRO A 300 17.66 21.91 6.12
N ALA A 301 18.01 22.24 4.88
CA ALA A 301 18.67 21.28 4.00
C ALA A 301 20.17 21.25 4.31
N ALA A 302 20.80 20.11 4.10
CA ALA A 302 22.23 20.00 4.34
C ALA A 302 23.00 20.83 3.31
N ASN A 303 24.13 21.40 3.73
CA ASN A 303 24.99 22.21 2.85
C ASN A 303 24.38 23.42 2.16
N GLU A 304 23.45 24.09 2.81
CA GLU A 304 22.86 25.27 2.20
C GLU A 304 22.43 26.22 3.31
N THR A 305 22.53 27.53 3.04
CA THR A 305 22.15 28.55 4.01
C THR A 305 20.74 29.03 3.73
N VAL A 306 20.27 28.81 2.50
CA VAL A 306 18.92 29.20 2.08
C VAL A 306 17.84 28.50 2.89
N ARG A 307 16.81 29.26 3.29
CA ARG A 307 15.72 28.73 4.09
C ARG A 307 14.41 28.86 3.32
N HIS A 308 13.54 27.86 3.48
CA HIS A 308 12.23 27.85 2.81
C HIS A 308 11.15 27.74 3.90
N GLY A 309 9.98 28.32 3.66
CA GLY A 309 8.90 28.30 4.63
C GLY A 309 7.62 28.94 4.12
N CYS A 310 6.69 29.22 5.03
CA CYS A 310 5.39 29.81 4.69
C CYS A 310 4.89 30.80 5.70
N LEU A 311 4.09 31.76 5.24
CA LEU A 311 3.42 32.58 6.22
C LEU A 311 2.19 31.63 6.21
N ARG A 312 1.85 31.06 7.36
CA ARG A 312 0.73 30.14 7.43
C ARG A 312 -0.55 30.80 7.95
N LEU A 313 -1.61 30.72 7.15
CA LEU A 313 -2.90 31.29 7.52
C LEU A 313 -3.95 30.18 7.70
N ASN A 314 -4.39 30.01 8.94
CA ASN A 314 -5.40 29.02 9.31
C ASN A 314 -6.79 29.61 9.06
N GLN A 315 -7.37 29.25 7.93
CA GLN A 315 -8.68 29.72 7.56
C GLN A 315 -8.78 31.23 7.66
N PRO A 316 -8.13 31.94 6.75
CA PRO A 316 -8.20 33.41 6.79
C PRO A 316 -9.51 33.77 6.09
N THR A 317 -9.95 35.02 6.23
CA THR A 317 -11.18 35.45 5.57
C THR A 317 -10.82 36.65 4.71
N HIS A 318 -11.84 37.26 4.12
CA HIS A 318 -11.63 38.42 3.26
C HIS A 318 -10.90 39.50 4.04
N VAL A 319 -11.00 39.46 5.36
CA VAL A 319 -10.32 40.47 6.17
C VAL A 319 -8.81 40.28 6.18
N ASN A 320 -8.34 39.20 5.60
CA ASN A 320 -6.89 38.97 5.54
C ASN A 320 -6.38 39.22 4.12
N ASN A 321 -7.29 39.64 3.26
CA ASN A 321 -6.95 39.99 1.89
C ASN A 321 -6.09 41.25 1.94
N GLY A 322 -5.01 41.28 1.18
CA GLY A 322 -4.16 42.46 1.21
C GLY A 322 -2.75 42.14 0.76
N ASN A 323 -1.88 43.14 0.93
CA ASN A 323 -0.47 43.04 0.54
C ASN A 323 0.40 42.60 1.69
N TYR A 324 1.06 41.46 1.51
CA TYR A 324 1.93 40.89 2.51
C TYR A 324 3.39 41.13 2.16
N THR A 325 4.10 41.78 3.08
CA THR A 325 5.52 42.09 2.93
C THR A 325 6.37 41.27 3.92
N LEU A 326 7.40 40.60 3.40
CA LEU A 326 8.29 39.82 4.27
C LEU A 326 9.55 40.64 4.31
N LEU A 327 10.03 40.91 5.51
CA LEU A 327 11.22 41.70 5.72
C LEU A 327 12.31 40.77 6.27
N ALA A 328 13.46 40.70 5.60
CA ALA A 328 14.54 39.85 6.05
C ALA A 328 15.75 40.70 6.37
N ALA A 329 16.15 40.70 7.64
CA ALA A 329 17.27 41.52 8.07
C ALA A 329 18.44 40.85 8.78
N ASN A 330 19.65 41.30 8.43
CA ASN A 330 20.89 40.86 9.06
C ASN A 330 21.84 42.08 9.07
N PRO A 331 23.03 41.96 9.67
CA PRO A 331 23.97 43.09 9.72
C PRO A 331 24.32 43.90 8.45
N PHE A 332 23.94 43.43 7.26
CA PHE A 332 24.26 44.17 6.03
C PHE A 332 23.15 45.12 5.61
N GLY A 333 21.96 44.89 6.15
CA GLY A 333 20.83 45.69 5.78
C GLY A 333 19.58 44.82 5.74
N GLN A 334 18.69 45.12 4.80
CA GLN A 334 17.44 44.38 4.76
C GLN A 334 16.96 44.12 3.34
N ALA A 335 16.36 42.95 3.15
CA ALA A 335 15.82 42.52 1.86
C ALA A 335 14.31 42.49 2.06
N SER A 336 13.58 42.79 1.00
CA SER A 336 12.15 42.87 1.13
C SER A 336 11.45 42.30 -0.07
N ALA A 337 10.30 41.68 0.19
CA ALA A 337 9.47 41.09 -0.85
C ALA A 337 7.98 41.21 -0.46
N SER A 338 7.15 41.57 -1.44
CA SER A 338 5.73 41.73 -1.17
C SER A 338 4.85 40.95 -2.13
N ILE A 339 3.63 40.63 -1.69
CA ILE A 339 2.70 39.93 -2.56
C ILE A 339 1.25 40.19 -2.16
N MET A 340 0.37 40.23 -3.16
CA MET A 340 -1.04 40.45 -2.91
C MET A 340 -1.69 39.08 -2.69
N ALA A 341 -2.53 38.95 -1.67
CA ALA A 341 -3.18 37.68 -1.46
C ALA A 341 -4.67 37.91 -1.18
N ALA A 342 -5.49 37.04 -1.79
CA ALA A 342 -6.95 37.09 -1.62
C ALA A 342 -7.43 35.70 -1.26
N PHE A 343 -7.94 35.55 -0.05
CA PHE A 343 -8.41 34.25 0.37
C PHE A 343 -9.91 34.12 0.27
N MET A 344 -10.60 35.25 0.19
CA MET A 344 -12.05 35.23 0.15
C MET A 344 -12.59 36.56 -0.35
N ASP A 345 -13.73 36.52 -1.05
CA ASP A 345 -14.36 37.74 -1.54
C ASP A 345 -14.99 38.40 -0.31
N ASN A 346 -15.63 39.55 -0.44
CA ASN A 346 -16.15 40.20 0.77
C ASN A 346 -17.33 41.15 0.69
N PRO A 347 -18.53 40.63 0.44
CA PRO A 347 -19.73 41.48 0.36
C PRO A 347 -20.03 42.23 1.67
N CYS B 1 12.12 -51.60 -24.51
CA CYS B 1 12.74 -50.25 -24.45
C CYS B 1 14.24 -50.31 -24.19
N PRO B 2 15.06 -49.99 -25.21
CA PRO B 2 14.62 -49.60 -26.56
C PRO B 2 14.24 -50.82 -27.40
N ASP B 3 13.22 -50.65 -28.24
CA ASP B 3 12.76 -51.74 -29.11
C ASP B 3 11.83 -51.16 -30.18
N ALA B 4 11.07 -50.14 -29.80
CA ALA B 4 10.13 -49.49 -30.70
C ALA B 4 9.70 -48.13 -30.15
N CYS B 5 10.15 -47.82 -28.92
CA CYS B 5 9.80 -46.55 -28.29
C CYS B 5 10.77 -46.12 -27.19
N CYS B 6 10.28 -45.18 -26.37
CA CYS B 6 10.96 -44.62 -25.22
C CYS B 6 12.21 -43.76 -25.43
N PRO B 7 12.39 -43.14 -26.62
CA PRO B 7 13.60 -42.33 -26.76
C PRO B 7 13.47 -40.99 -26.03
N HIS B 8 13.27 -39.91 -26.78
CA HIS B 8 13.12 -38.58 -26.19
C HIS B 8 14.25 -38.31 -25.20
N GLY B 9 13.93 -37.62 -24.12
CA GLY B 9 14.92 -37.30 -23.09
C GLY B 9 14.24 -37.05 -21.77
N SER B 10 13.37 -36.05 -21.73
CA SER B 10 12.64 -35.71 -20.52
C SER B 10 11.46 -36.67 -20.36
N SER B 11 10.36 -36.18 -19.82
CA SER B 11 9.17 -36.99 -19.65
C SER B 11 8.51 -37.18 -21.01
N GLY B 12 9.17 -37.99 -21.85
CA GLY B 12 8.69 -38.24 -23.19
C GLY B 12 8.69 -39.70 -23.59
N LEU B 13 7.62 -40.14 -24.14
CA LEU B 13 7.52 -41.45 -24.79
C LEU B 13 7.31 -41.34 -26.30
N ARG B 14 8.34 -41.62 -27.02
CA ARG B 14 8.31 -41.38 -28.45
C ARG B 14 8.29 -42.67 -29.25
N CYS B 15 7.21 -42.87 -30.02
CA CYS B 15 7.08 -44.07 -30.85
C CYS B 15 6.52 -43.72 -32.24
N THR B 16 7.13 -42.73 -32.88
CA THR B 16 6.71 -42.32 -34.23
C THR B 16 6.81 -43.52 -35.20
N ARG B 17 5.87 -44.47 -35.07
CA ARG B 17 5.83 -45.65 -35.93
C ARG B 17 4.73 -46.62 -35.47
N ASP B 18 4.61 -47.74 -36.17
CA ASP B 18 3.61 -48.79 -35.89
C ASP B 18 3.20 -48.92 -34.43
N GLY B 19 1.95 -49.30 -34.21
CA GLY B 19 1.41 -49.44 -32.87
C GLY B 19 1.95 -50.64 -32.11
N ALA B 20 2.27 -50.42 -30.84
CA ALA B 20 2.79 -51.47 -29.96
C ALA B 20 2.47 -51.12 -28.52
N LEU B 21 1.21 -50.78 -28.27
CA LEU B 21 0.74 -50.41 -26.94
C LEU B 21 0.27 -51.61 -26.15
N ASP B 22 0.22 -52.77 -26.81
CA ASP B 22 -0.23 -54.01 -26.17
C ASP B 22 0.48 -54.29 -24.85
N SER B 23 1.78 -53.99 -24.80
CA SER B 23 2.57 -54.22 -23.59
C SER B 23 3.12 -52.92 -23.01
N LEU B 24 2.63 -51.79 -23.50
CA LEU B 24 3.08 -50.49 -23.02
C LEU B 24 2.19 -50.04 -21.86
N HIS B 25 1.36 -50.95 -21.36
CA HIS B 25 0.48 -50.66 -20.25
C HIS B 25 0.77 -51.60 -19.07
N HIS B 26 1.24 -52.81 -19.39
CA HIS B 26 1.57 -53.79 -18.37
C HIS B 26 2.95 -53.51 -17.77
N LEU B 27 3.96 -53.43 -18.63
CA LEU B 27 5.32 -53.16 -18.17
C LEU B 27 6.04 -52.22 -19.15
N PRO B 28 5.56 -50.97 -19.25
CA PRO B 28 6.16 -49.97 -20.14
C PRO B 28 7.45 -49.40 -19.57
N GLY B 29 7.44 -49.11 -18.28
CA GLY B 29 8.60 -48.55 -17.63
C GLY B 29 8.25 -47.38 -16.73
N ALA B 30 7.24 -46.61 -17.11
CA ALA B 30 6.79 -45.46 -16.33
C ALA B 30 5.43 -44.95 -16.81
N GLU B 31 4.41 -45.14 -15.98
CA GLU B 31 3.05 -44.69 -16.31
C GLU B 31 3.06 -43.18 -16.50
N ASN B 32 4.16 -42.55 -16.07
CA ASN B 32 4.31 -41.11 -16.18
C ASN B 32 4.84 -40.79 -17.58
N LEU B 33 4.46 -39.62 -18.08
CA LEU B 33 4.87 -39.17 -19.42
C LEU B 33 4.31 -37.77 -19.61
N THR B 34 4.76 -37.06 -20.63
CA THR B 34 4.24 -35.71 -20.82
C THR B 34 3.97 -35.43 -22.30
N GLU B 35 4.66 -36.20 -23.13
CA GLU B 35 4.49 -36.11 -24.57
C GLU B 35 4.40 -37.50 -25.21
N LEU B 36 3.43 -37.72 -26.01
CA LEU B 36 3.29 -38.98 -26.74
C LEU B 36 3.17 -38.75 -28.24
N TYR B 37 4.09 -39.29 -28.99
CA TYR B 37 4.09 -39.09 -30.43
C TYR B 37 3.74 -40.39 -31.16
N ILE B 38 2.53 -40.43 -31.72
CA ILE B 38 2.07 -41.63 -32.41
C ILE B 38 1.64 -41.28 -33.84
N GLU B 39 2.21 -40.22 -34.38
CA GLU B 39 1.92 -39.77 -35.74
C GLU B 39 2.33 -40.78 -36.82
N ASN B 40 2.03 -42.06 -36.60
CA ASN B 40 2.36 -43.10 -37.57
C ASN B 40 2.09 -44.49 -37.01
N GLN B 41 1.16 -45.22 -37.63
CA GLN B 41 0.81 -46.58 -37.22
C GLN B 41 -0.03 -47.27 -38.29
N GLN B 42 -0.38 -48.53 -38.04
CA GLN B 42 -1.17 -49.32 -38.98
C GLN B 42 -2.54 -49.66 -38.40
N HIS B 43 -2.59 -49.84 -37.08
CA HIS B 43 -3.84 -50.17 -36.40
C HIS B 43 -4.57 -48.89 -35.96
N LEU B 44 -4.92 -48.84 -34.67
CA LEU B 44 -5.62 -47.70 -34.10
C LEU B 44 -6.80 -47.24 -34.95
N GLN B 45 -7.98 -47.74 -34.62
CA GLN B 45 -9.21 -47.38 -35.32
C GLN B 45 -10.22 -46.83 -34.32
N HIS B 46 -10.38 -47.57 -33.22
CA HIS B 46 -11.29 -47.18 -32.16
C HIS B 46 -10.50 -46.76 -30.93
N LEU B 47 -10.47 -45.46 -30.66
CA LEU B 47 -9.75 -44.94 -29.50
C LEU B 47 -10.70 -44.70 -28.33
N GLU B 48 -10.56 -45.51 -27.29
CA GLU B 48 -11.39 -45.40 -26.11
C GLU B 48 -10.55 -45.07 -24.88
N LEU B 49 -11.20 -44.92 -23.73
CA LEU B 49 -10.51 -44.60 -22.49
C LEU B 49 -9.53 -45.71 -22.09
N ARG B 50 -9.83 -46.93 -22.51
CA ARG B 50 -8.98 -48.08 -22.21
C ARG B 50 -7.62 -47.93 -22.89
N ASP B 51 -7.63 -47.38 -24.10
CA ASP B 51 -6.40 -47.18 -24.86
C ASP B 51 -5.47 -46.22 -24.13
N LEU B 52 -6.04 -45.45 -23.21
CA LEU B 52 -5.26 -44.50 -22.42
C LEU B 52 -5.15 -44.96 -20.99
N ARG B 53 -5.60 -46.19 -20.73
CA ARG B 53 -5.55 -46.79 -19.39
C ARG B 53 -4.16 -46.60 -18.78
N GLY B 54 -4.00 -45.52 -18.03
CA GLY B 54 -2.72 -45.24 -17.40
C GLY B 54 -2.60 -43.80 -16.95
N LEU B 55 -2.80 -43.58 -15.65
CA LEU B 55 -2.72 -42.24 -15.08
C LEU B 55 -1.44 -41.54 -15.52
N GLY B 56 -1.57 -40.33 -16.04
CA GLY B 56 -0.41 -39.59 -16.49
C GLY B 56 -0.65 -38.11 -16.69
N GLU B 57 0.41 -37.31 -16.50
CA GLU B 57 0.33 -35.87 -16.68
C GLU B 57 0.91 -35.51 -18.03
N LEU B 58 0.10 -35.65 -19.07
CA LEU B 58 0.53 -35.36 -20.43
C LEU B 58 -0.02 -34.02 -20.92
N ARG B 59 0.85 -33.25 -21.55
CA ARG B 59 0.50 -31.94 -22.08
C ARG B 59 0.49 -31.94 -23.61
N ASN B 60 1.22 -32.85 -24.25
CA ASN B 60 1.25 -32.92 -25.69
C ASN B 60 0.95 -34.32 -26.17
N LEU B 61 -0.06 -34.46 -27.02
CA LEU B 61 -0.40 -35.76 -27.57
C LEU B 61 -0.57 -35.67 -29.08
N THR B 62 0.28 -36.39 -29.81
CA THR B 62 0.22 -36.39 -31.26
C THR B 62 -0.28 -37.73 -31.78
N ILE B 63 -1.39 -37.68 -32.48
CA ILE B 63 -2.01 -38.84 -33.07
C ILE B 63 -2.32 -38.57 -34.56
N VAL B 64 -1.58 -37.63 -35.14
CA VAL B 64 -1.71 -37.34 -36.55
C VAL B 64 -1.16 -38.59 -37.25
N LYS B 65 -1.33 -38.69 -38.56
CA LYS B 65 -0.83 -39.85 -39.31
C LYS B 65 -1.07 -41.18 -38.59
N SER B 66 -2.23 -41.78 -38.83
CA SER B 66 -2.57 -43.06 -38.20
C SER B 66 -3.75 -43.72 -38.91
N GLY B 67 -4.83 -43.95 -38.17
CA GLY B 67 -6.01 -44.58 -38.74
C GLY B 67 -7.28 -44.30 -37.97
N LEU B 68 -7.14 -43.70 -36.79
CA LEU B 68 -8.27 -43.38 -35.93
C LEU B 68 -9.41 -42.73 -36.72
N ARG B 69 -10.64 -43.07 -36.36
CA ARG B 69 -11.80 -42.51 -37.06
C ARG B 69 -12.98 -42.28 -36.13
N PHE B 70 -13.03 -43.05 -35.04
CA PHE B 70 -14.11 -42.93 -34.07
C PHE B 70 -13.60 -42.73 -32.66
N VAL B 71 -13.68 -41.50 -32.16
CA VAL B 71 -13.23 -41.21 -30.80
C VAL B 71 -14.43 -40.95 -29.91
N ALA B 72 -14.85 -41.97 -29.19
CA ALA B 72 -16.00 -41.87 -28.29
C ALA B 72 -15.77 -40.84 -27.18
N PRO B 73 -16.83 -40.07 -26.86
CA PRO B 73 -16.76 -39.03 -25.82
C PRO B 73 -16.32 -39.61 -24.48
N ASP B 74 -15.02 -39.58 -24.24
CA ASP B 74 -14.43 -40.10 -23.01
C ASP B 74 -12.92 -39.98 -23.12
N ALA B 75 -12.36 -40.82 -23.99
CA ALA B 75 -10.93 -40.85 -24.26
C ALA B 75 -10.05 -40.21 -23.18
N PHE B 76 -9.46 -39.07 -23.53
CA PHE B 76 -8.56 -38.31 -22.67
C PHE B 76 -9.04 -38.14 -21.23
N HIS B 77 -10.20 -38.69 -20.90
CA HIS B 77 -10.75 -38.60 -19.56
C HIS B 77 -9.66 -38.62 -18.49
N PHE B 78 -8.67 -39.50 -18.66
CA PHE B 78 -7.58 -39.58 -17.70
C PHE B 78 -6.83 -38.27 -17.57
N THR B 79 -5.99 -37.97 -18.55
CA THR B 79 -5.21 -36.72 -18.52
C THR B 79 -6.10 -35.54 -18.14
N PRO B 80 -6.04 -35.14 -16.96
CA PRO B 80 -6.86 -34.04 -16.54
C PRO B 80 -6.48 -32.75 -17.25
N ARG B 81 -5.17 -32.55 -17.42
CA ARG B 81 -4.67 -31.34 -18.06
C ARG B 81 -4.92 -31.30 -19.56
N LEU B 82 -3.85 -31.54 -20.32
CA LEU B 82 -3.87 -31.51 -21.78
C LEU B 82 -4.17 -30.12 -22.33
N SER B 83 -3.16 -29.56 -22.98
CA SER B 83 -3.13 -28.23 -23.58
C SER B 83 -3.03 -28.32 -25.11
N ARG B 84 -2.38 -29.33 -25.62
CA ARG B 84 -2.20 -29.48 -27.05
C ARG B 84 -2.48 -30.91 -27.50
N LEU B 85 -3.38 -31.05 -28.43
CA LEU B 85 -3.78 -32.36 -28.93
C LEU B 85 -3.74 -32.31 -30.44
N ASN B 86 -2.85 -33.10 -31.01
CA ASN B 86 -2.74 -33.13 -32.45
C ASN B 86 -3.19 -34.46 -33.00
N LEU B 87 -4.34 -34.44 -33.67
CA LEU B 87 -4.92 -35.63 -34.30
C LEU B 87 -4.92 -35.52 -35.82
N SER B 88 -4.21 -34.51 -36.34
CA SER B 88 -4.18 -34.26 -37.78
C SER B 88 -3.87 -35.47 -38.68
N PHE B 89 -3.87 -35.23 -39.99
CA PHE B 89 -3.60 -36.27 -40.99
C PHE B 89 -4.01 -37.66 -40.51
N ASN B 90 -5.31 -37.91 -40.39
CA ASN B 90 -5.78 -39.22 -39.93
C ASN B 90 -6.91 -39.73 -40.81
N ALA B 91 -7.88 -40.39 -40.20
CA ALA B 91 -9.04 -40.94 -40.91
C ALA B 91 -10.31 -40.53 -40.17
N LEU B 92 -10.12 -39.91 -39.01
CA LEU B 92 -11.21 -39.47 -38.16
C LEU B 92 -12.28 -38.70 -38.95
N GLU B 93 -13.43 -39.33 -39.12
CA GLU B 93 -14.53 -38.72 -39.85
C GLU B 93 -15.07 -37.52 -39.07
N SER B 94 -15.25 -37.72 -37.77
CA SER B 94 -15.76 -36.66 -36.90
C SER B 94 -15.28 -36.86 -35.46
N LEU B 95 -15.12 -35.75 -34.74
CA LEU B 95 -14.67 -35.79 -33.35
C LEU B 95 -15.77 -35.30 -32.40
N SER B 96 -16.34 -36.23 -31.65
CA SER B 96 -17.41 -35.93 -30.70
C SER B 96 -17.10 -34.73 -29.80
N TRP B 97 -18.12 -33.93 -29.52
CA TRP B 97 -17.98 -32.75 -28.66
C TRP B 97 -17.37 -33.08 -27.30
N LYS B 98 -18.15 -33.79 -26.48
CA LYS B 98 -17.75 -34.18 -25.12
C LYS B 98 -16.26 -34.50 -24.94
N THR B 99 -15.58 -34.82 -26.03
CA THR B 99 -14.17 -35.14 -25.98
C THR B 99 -13.33 -34.13 -25.19
N VAL B 100 -13.39 -32.87 -25.61
CA VAL B 100 -12.63 -31.81 -24.94
C VAL B 100 -13.17 -31.52 -23.54
N GLN B 101 -14.49 -31.48 -23.40
CA GLN B 101 -15.11 -31.20 -22.11
C GLN B 101 -14.23 -30.24 -21.33
N GLY B 102 -14.05 -29.05 -21.90
CA GLY B 102 -13.24 -28.03 -21.26
C GLY B 102 -12.02 -28.54 -20.53
N LEU B 103 -11.04 -29.05 -21.26
CA LEU B 103 -9.81 -29.55 -20.65
C LEU B 103 -8.72 -28.48 -20.71
N SER B 104 -9.13 -27.27 -21.11
CA SER B 104 -8.20 -26.15 -21.25
C SER B 104 -7.22 -26.40 -22.38
N LEU B 105 -7.52 -27.39 -23.22
CA LEU B 105 -6.67 -27.73 -24.36
C LEU B 105 -6.34 -26.40 -25.05
N GLN B 106 -5.07 -26.10 -25.22
CA GLN B 106 -4.74 -24.82 -25.85
C GLN B 106 -4.68 -24.94 -27.36
N GLU B 107 -4.21 -26.07 -27.85
CA GLU B 107 -4.10 -26.27 -29.29
C GLU B 107 -4.71 -27.61 -29.71
N LEU B 108 -5.53 -27.58 -30.73
CA LEU B 108 -6.19 -28.78 -31.22
C LEU B 108 -6.03 -28.83 -32.73
N VAL B 109 -5.25 -29.80 -33.21
CA VAL B 109 -5.05 -29.95 -34.65
C VAL B 109 -5.95 -31.04 -35.21
N LEU B 110 -6.88 -30.67 -36.09
CA LEU B 110 -7.80 -31.63 -36.73
C LEU B 110 -7.78 -31.42 -38.22
N SER B 111 -7.24 -32.30 -39.03
CA SER B 111 -7.12 -31.89 -40.42
C SER B 111 -6.55 -32.86 -41.39
N GLY B 112 -6.57 -32.45 -42.64
CA GLY B 112 -6.13 -33.34 -43.68
C GLY B 112 -7.07 -34.45 -43.29
N ASN B 113 -8.07 -34.11 -42.46
CA ASN B 113 -8.97 -35.16 -42.02
C ASN B 113 -10.23 -35.13 -42.81
N PRO B 114 -10.88 -36.26 -43.05
CA PRO B 114 -12.13 -36.30 -43.81
C PRO B 114 -13.16 -35.27 -43.37
N LEU B 115 -13.05 -35.37 -41.97
CA LEU B 115 -13.81 -34.32 -41.30
C LEU B 115 -15.17 -34.01 -41.90
N HIS B 116 -15.97 -35.04 -42.13
CA HIS B 116 -17.30 -34.81 -42.64
C HIS B 116 -17.98 -33.78 -41.77
N CYS B 117 -18.32 -32.64 -42.36
CA CYS B 117 -18.97 -31.57 -41.63
C CYS B 117 -20.39 -31.95 -41.32
N SER B 118 -20.68 -31.92 -40.03
CA SER B 118 -22.00 -32.22 -39.54
C SER B 118 -22.45 -31.09 -38.65
N CYS B 119 -23.63 -31.24 -38.07
CA CYS B 119 -24.02 -30.47 -36.92
C CYS B 119 -23.07 -30.79 -35.75
N ALA B 120 -22.60 -32.04 -35.68
CA ALA B 120 -21.66 -32.49 -34.64
C ALA B 120 -20.26 -31.96 -34.80
N LEU B 121 -20.15 -30.81 -35.47
CA LEU B 121 -18.94 -30.02 -35.52
C LEU B 121 -19.23 -28.53 -35.35
N ARG B 122 -20.45 -28.14 -35.01
CA ARG B 122 -20.69 -26.74 -34.75
C ARG B 122 -19.73 -26.30 -33.68
N TRP B 123 -19.29 -27.21 -32.81
CA TRP B 123 -18.39 -26.84 -31.70
C TRP B 123 -17.00 -26.38 -32.16
N LEU B 124 -16.48 -27.02 -33.20
CA LEU B 124 -15.23 -26.62 -33.82
C LEU B 124 -15.45 -25.35 -34.62
N GLN B 125 -16.65 -25.24 -35.15
CA GLN B 125 -17.08 -24.03 -35.81
C GLN B 125 -16.86 -22.88 -34.84
N ARG B 126 -17.51 -22.95 -33.67
CA ARG B 126 -17.39 -21.92 -32.64
C ARG B 126 -15.92 -21.72 -32.41
N TRP B 127 -15.21 -22.82 -32.14
CA TRP B 127 -13.83 -22.72 -31.73
C TRP B 127 -12.99 -21.95 -32.73
N GLU B 128 -13.43 -21.90 -33.99
CA GLU B 128 -12.74 -21.15 -35.05
C GLU B 128 -13.08 -19.67 -35.03
N GLU B 129 -14.38 -19.36 -34.98
CA GLU B 129 -14.83 -17.98 -34.87
C GLU B 129 -14.23 -17.35 -33.61
N GLU B 130 -14.51 -17.96 -32.47
CA GLU B 130 -14.08 -17.48 -31.16
C GLU B 130 -12.57 -17.41 -31.09
N GLY B 131 -11.89 -18.13 -31.98
CA GLY B 131 -10.44 -18.08 -32.07
C GLY B 131 -9.80 -18.61 -30.81
N LEU B 132 -10.29 -19.75 -30.35
CA LEU B 132 -9.97 -20.25 -29.03
C LEU B 132 -8.78 -21.19 -29.05
N GLY B 133 -8.98 -22.40 -29.56
CA GLY B 133 -7.98 -23.44 -29.47
C GLY B 133 -6.91 -23.37 -30.52
N GLY B 134 -6.72 -22.18 -31.10
CA GLY B 134 -5.82 -22.03 -32.23
C GLY B 134 -6.38 -22.87 -33.35
N VAL B 135 -7.68 -22.71 -33.57
CA VAL B 135 -8.31 -23.33 -34.71
C VAL B 135 -8.17 -22.47 -35.96
N PRO B 136 -8.34 -21.15 -35.85
CA PRO B 136 -8.35 -20.27 -37.03
C PRO B 136 -7.36 -20.64 -38.16
N GLU B 137 -6.07 -20.41 -37.95
CA GLU B 137 -5.03 -20.57 -38.99
C GLU B 137 -5.06 -21.87 -39.80
N GLN B 138 -5.64 -22.93 -39.26
CA GLN B 138 -5.56 -24.24 -39.90
C GLN B 138 -6.32 -24.40 -41.21
N LYS B 139 -7.33 -23.54 -41.42
CA LYS B 139 -8.10 -23.54 -42.67
C LYS B 139 -8.79 -24.89 -42.92
N LEU B 140 -9.45 -25.41 -41.89
CA LEU B 140 -10.07 -26.73 -42.02
C LEU B 140 -11.17 -26.72 -43.07
N GLN B 141 -11.37 -27.85 -43.74
CA GLN B 141 -12.40 -27.95 -44.75
C GLN B 141 -13.13 -29.27 -44.65
N CYS B 142 -14.35 -29.34 -45.18
CA CYS B 142 -15.18 -30.57 -45.08
C CYS B 142 -14.86 -31.78 -46.01
N HIS B 143 -15.06 -33.01 -45.53
CA HIS B 143 -14.82 -34.15 -46.41
C HIS B 143 -15.97 -34.33 -47.40
N GLY B 144 -15.80 -35.21 -48.40
CA GLY B 144 -16.86 -35.38 -49.41
C GLY B 144 -16.77 -34.04 -50.12
N GLN B 145 -16.88 -33.07 -49.23
CA GLN B 145 -16.75 -31.68 -49.49
C GLN B 145 -17.94 -30.84 -49.81
N GLY B 146 -18.13 -29.93 -48.86
CA GLY B 146 -19.12 -28.88 -48.87
C GLY B 146 -18.12 -28.04 -48.09
N PRO B 147 -16.87 -28.05 -48.59
CA PRO B 147 -15.60 -27.46 -48.21
C PRO B 147 -15.13 -26.91 -46.86
N LEU B 148 -15.78 -26.05 -46.10
CA LEU B 148 -15.04 -25.67 -44.87
C LEU B 148 -15.63 -24.85 -43.74
N ALA B 149 -14.69 -24.17 -43.07
CA ALA B 149 -14.94 -23.26 -41.98
C ALA B 149 -15.79 -22.11 -42.50
N HIS B 150 -16.88 -22.52 -43.12
CA HIS B 150 -17.96 -21.74 -43.66
C HIS B 150 -18.91 -22.80 -43.17
N MET B 151 -20.17 -22.77 -43.57
CA MET B 151 -21.09 -23.83 -43.15
C MET B 151 -22.48 -23.38 -42.80
N PRO B 152 -23.49 -24.19 -43.17
CA PRO B 152 -24.83 -23.77 -42.81
C PRO B 152 -24.62 -23.50 -41.31
N ASN B 153 -25.14 -22.38 -40.80
CA ASN B 153 -24.94 -22.02 -39.36
C ASN B 153 -26.23 -22.18 -38.49
N ALA B 154 -27.34 -21.60 -38.95
CA ALA B 154 -28.59 -21.63 -38.23
C ALA B 154 -29.19 -23.00 -38.16
N SER B 155 -28.66 -23.94 -38.93
CA SER B 155 -29.27 -25.26 -38.87
C SER B 155 -28.65 -26.17 -37.80
N CYS B 156 -27.79 -25.60 -36.95
CA CYS B 156 -27.26 -26.31 -35.80
C CYS B 156 -27.34 -25.44 -34.55
N GLY B 157 -27.97 -25.99 -33.52
CA GLY B 157 -28.16 -25.31 -32.25
C GLY B 157 -28.23 -26.23 -31.04
N VAL B 158 -28.09 -25.61 -29.87
CA VAL B 158 -28.18 -26.30 -28.59
C VAL B 158 -29.67 -26.50 -28.30
N PRO B 159 -30.03 -27.42 -27.38
CA PRO B 159 -31.44 -27.58 -27.02
C PRO B 159 -32.03 -26.44 -26.20
N THR B 160 -33.34 -26.23 -26.38
CA THR B 160 -34.09 -25.17 -25.71
C THR B 160 -34.57 -25.66 -24.33
N LEU B 161 -34.79 -24.73 -23.39
CA LEU B 161 -35.16 -25.13 -22.03
C LEU B 161 -36.03 -24.15 -21.25
N LYS B 162 -37.19 -24.67 -20.79
CA LYS B 162 -38.09 -23.99 -19.84
C LYS B 162 -38.43 -24.97 -18.70
N VAL B 163 -38.51 -24.48 -17.47
CA VAL B 163 -38.87 -25.34 -16.35
C VAL B 163 -39.99 -24.70 -15.57
N GLN B 164 -41.11 -25.41 -15.44
CA GLN B 164 -42.34 -24.83 -14.90
C GLN B 164 -42.43 -25.00 -13.39
N VAL B 165 -42.32 -23.88 -12.70
CA VAL B 165 -42.54 -23.85 -11.27
C VAL B 165 -44.05 -23.94 -11.03
N PRO B 166 -44.45 -24.32 -9.82
CA PRO B 166 -45.87 -24.31 -9.49
C PRO B 166 -46.34 -22.91 -9.67
N ASN B 167 -47.50 -22.76 -10.28
CA ASN B 167 -48.00 -21.45 -10.61
C ASN B 167 -48.38 -20.71 -9.33
N ALA B 168 -49.09 -21.41 -8.45
CA ALA B 168 -49.46 -20.87 -7.14
C ALA B 168 -48.25 -20.69 -6.23
N SER B 169 -48.34 -19.71 -5.32
CA SER B 169 -47.28 -19.54 -4.32
C SER B 169 -47.06 -20.85 -3.59
N VAL B 170 -46.14 -20.84 -2.63
CA VAL B 170 -45.88 -22.00 -1.78
C VAL B 170 -45.78 -21.60 -0.31
N ASP B 171 -46.11 -22.56 0.56
CA ASP B 171 -45.83 -22.49 1.99
C ASP B 171 -45.12 -23.72 2.48
N VAL B 172 -44.44 -23.52 3.60
CA VAL B 172 -43.64 -24.54 4.24
C VAL B 172 -44.42 -25.82 4.43
N GLY B 173 -43.69 -26.92 4.36
CA GLY B 173 -44.27 -28.26 4.37
C GLY B 173 -45.30 -28.56 3.27
N ASP B 174 -44.97 -28.23 2.03
CA ASP B 174 -45.78 -28.58 0.88
C ASP B 174 -45.00 -29.52 -0.02
N ASP B 175 -45.65 -29.92 -1.09
CA ASP B 175 -44.99 -30.71 -2.09
C ASP B 175 -44.80 -29.80 -3.30
N VAL B 176 -43.55 -29.60 -3.70
CA VAL B 176 -43.25 -28.80 -4.87
C VAL B 176 -42.75 -29.72 -5.94
N LEU B 177 -43.57 -29.87 -6.98
CA LEU B 177 -43.32 -30.76 -8.10
C LEU B 177 -43.13 -29.93 -9.34
N LEU B 178 -42.25 -30.38 -10.24
CA LEU B 178 -41.94 -29.59 -11.44
C LEU B 178 -41.25 -30.41 -12.53
N ARG B 179 -41.43 -29.96 -13.78
CA ARG B 179 -40.87 -30.61 -14.97
C ARG B 179 -39.94 -29.68 -15.77
N CYS B 180 -38.99 -30.33 -16.47
CA CYS B 180 -37.95 -29.66 -17.23
C CYS B 180 -38.08 -30.13 -18.68
N GLN B 181 -38.60 -29.26 -19.54
CA GLN B 181 -38.82 -29.58 -20.95
C GLN B 181 -37.68 -29.17 -21.86
N VAL B 182 -37.03 -30.18 -22.43
CA VAL B 182 -35.93 -29.99 -23.35
C VAL B 182 -36.42 -30.19 -24.76
N GLU B 183 -36.36 -29.13 -25.56
CA GLU B 183 -36.88 -29.15 -26.91
C GLU B 183 -35.82 -28.86 -27.99
N GLY B 184 -35.37 -29.94 -28.62
CA GLY B 184 -34.40 -29.89 -29.71
C GLY B 184 -34.37 -31.16 -30.55
N ARG B 185 -33.25 -31.38 -31.24
CA ARG B 185 -33.15 -32.47 -32.22
C ARG B 185 -31.96 -33.43 -32.07
N GLY B 186 -30.89 -32.98 -31.42
CA GLY B 186 -29.72 -33.81 -31.16
C GLY B 186 -29.99 -34.93 -30.18
N LEU B 187 -30.52 -34.60 -29.00
CA LEU B 187 -31.12 -35.57 -28.05
C LEU B 187 -30.20 -36.68 -27.53
N GLU B 188 -29.52 -36.43 -26.40
CA GLU B 188 -28.63 -37.45 -25.83
C GLU B 188 -28.94 -37.70 -24.34
N GLN B 189 -28.22 -37.05 -23.43
CA GLN B 189 -28.41 -37.25 -21.99
C GLN B 189 -29.11 -36.08 -21.33
N ALA B 190 -29.66 -36.37 -20.15
CA ALA B 190 -30.37 -35.38 -19.34
C ALA B 190 -30.40 -35.83 -17.87
N GLY B 191 -30.69 -34.90 -16.97
CA GLY B 191 -30.59 -35.19 -15.55
C GLY B 191 -30.40 -33.91 -14.75
N TRP B 192 -31.12 -33.82 -13.63
CA TRP B 192 -31.11 -32.61 -12.82
C TRP B 192 -29.82 -32.49 -12.06
N ILE B 193 -29.57 -31.29 -11.54
CA ILE B 193 -28.48 -31.08 -10.59
C ILE B 193 -29.02 -30.41 -9.33
N LEU B 194 -28.90 -31.12 -8.21
CA LEU B 194 -29.30 -30.62 -6.92
C LEU B 194 -28.07 -30.04 -6.22
N THR B 195 -28.10 -28.75 -5.92
CA THR B 195 -27.04 -28.11 -5.13
C THR B 195 -27.35 -28.23 -3.65
N GLU B 196 -27.16 -29.44 -3.11
CA GLU B 196 -27.41 -29.74 -1.69
C GLU B 196 -28.79 -29.32 -1.21
N LEU B 197 -29.73 -30.22 -1.33
CA LEU B 197 -31.04 -30.04 -0.76
C LEU B 197 -31.17 -30.99 0.44
N GLU B 198 -30.29 -30.81 1.42
CA GLU B 198 -30.30 -31.59 2.65
C GLU B 198 -31.56 -31.34 3.49
N GLN B 199 -32.24 -30.22 3.22
CA GLN B 199 -33.45 -29.83 3.95
C GLN B 199 -34.69 -29.84 3.04
N SER B 200 -35.14 -31.06 2.75
CA SER B 200 -36.28 -31.37 1.86
C SER B 200 -36.13 -32.83 1.35
N ALA B 201 -37.24 -33.45 0.95
CA ALA B 201 -37.21 -34.83 0.45
C ALA B 201 -37.52 -34.85 -1.05
N THR B 202 -36.47 -35.01 -1.87
CA THR B 202 -36.60 -34.87 -3.33
C THR B 202 -37.07 -36.16 -3.92
N VAL B 203 -37.75 -36.06 -5.06
CA VAL B 203 -38.24 -37.26 -5.74
C VAL B 203 -38.18 -37.10 -7.27
N MET B 204 -37.11 -37.66 -7.84
CA MET B 204 -36.86 -37.60 -9.28
C MET B 204 -37.02 -38.98 -9.92
N LYS B 205 -36.48 -39.11 -11.14
CA LYS B 205 -36.66 -40.29 -12.00
C LYS B 205 -38.08 -40.36 -12.58
N SER B 206 -38.88 -39.32 -12.35
CA SER B 206 -40.28 -39.27 -12.80
C SER B 206 -40.40 -38.85 -14.27
N GLY B 207 -39.28 -38.94 -15.01
CA GLY B 207 -39.25 -38.55 -16.41
C GLY B 207 -38.32 -39.36 -17.30
N GLY B 208 -38.53 -39.23 -18.61
CA GLY B 208 -37.71 -39.86 -19.62
C GLY B 208 -36.86 -38.83 -20.31
N LEU B 209 -37.16 -38.52 -21.57
CA LEU B 209 -36.42 -37.50 -22.29
C LEU B 209 -37.19 -36.25 -22.69
N PRO B 210 -38.45 -36.37 -23.12
CA PRO B 210 -39.20 -35.17 -23.53
C PRO B 210 -39.46 -34.26 -22.33
N SER B 211 -39.55 -34.87 -21.14
CA SER B 211 -39.69 -34.17 -19.87
C SER B 211 -39.01 -34.94 -18.74
N LEU B 212 -38.52 -34.20 -17.73
CA LEU B 212 -37.88 -34.76 -16.52
C LEU B 212 -38.59 -34.26 -15.25
N GLY B 213 -39.20 -35.17 -14.49
CA GLY B 213 -40.04 -34.80 -13.36
C GLY B 213 -39.31 -34.82 -12.04
N LEU B 214 -39.45 -33.74 -11.26
CA LEU B 214 -38.71 -33.56 -10.02
C LEU B 214 -39.66 -33.01 -9.00
N THR B 215 -39.76 -33.68 -7.87
CA THR B 215 -40.68 -33.22 -6.85
C THR B 215 -40.02 -33.22 -5.49
N LEU B 216 -40.24 -32.11 -4.80
CA LEU B 216 -39.76 -31.89 -3.44
C LEU B 216 -40.97 -31.96 -2.53
N ALA B 217 -40.91 -32.82 -1.52
CA ALA B 217 -42.02 -32.99 -0.62
C ALA B 217 -41.62 -32.63 0.80
N ASN B 218 -42.63 -32.23 1.58
CA ASN B 218 -42.45 -31.86 2.97
C ASN B 218 -41.26 -30.91 2.99
N VAL B 219 -41.53 -29.73 2.46
CA VAL B 219 -40.51 -28.75 2.07
C VAL B 219 -40.24 -27.83 3.25
N THR B 220 -38.97 -27.70 3.63
CA THR B 220 -38.54 -26.78 4.71
C THR B 220 -38.17 -25.41 4.17
N SER B 221 -38.27 -24.40 5.01
CA SER B 221 -37.81 -23.10 4.59
C SER B 221 -36.38 -23.08 4.09
N ASP B 222 -35.60 -24.10 4.39
CA ASP B 222 -34.21 -24.10 3.96
C ASP B 222 -34.07 -24.49 2.46
N LEU B 223 -35.13 -24.24 1.71
CA LEU B 223 -35.12 -24.42 0.27
C LEU B 223 -34.85 -23.12 -0.39
N ASN B 224 -34.99 -22.04 0.33
CA ASN B 224 -34.96 -20.74 -0.30
C ASN B 224 -33.57 -20.46 -0.82
N ARG B 225 -33.51 -19.84 -1.99
CA ARG B 225 -32.24 -19.46 -2.59
C ARG B 225 -31.32 -20.66 -2.63
N LYS B 226 -31.74 -21.66 -3.39
CA LYS B 226 -30.96 -22.84 -3.69
C LYS B 226 -31.29 -23.21 -5.11
N ASN B 227 -30.40 -22.89 -6.04
CA ASN B 227 -30.64 -23.16 -7.45
C ASN B 227 -31.05 -24.60 -7.67
N VAL B 228 -32.13 -24.78 -8.43
CA VAL B 228 -32.56 -26.10 -8.91
C VAL B 228 -32.45 -26.16 -10.46
N THR B 229 -31.38 -26.82 -10.94
CA THR B 229 -30.94 -26.85 -12.34
C THR B 229 -31.29 -28.17 -13.03
N CYS B 230 -31.33 -28.15 -14.38
CA CYS B 230 -31.49 -29.38 -15.18
C CYS B 230 -30.66 -29.42 -16.48
N TRP B 231 -30.27 -30.63 -16.84
CA TRP B 231 -29.33 -30.89 -17.93
C TRP B 231 -29.94 -30.74 -19.31
N ALA B 232 -29.10 -31.04 -20.29
CA ALA B 232 -29.47 -31.19 -21.70
C ALA B 232 -28.17 -31.28 -22.48
N GLU B 233 -28.07 -32.28 -23.34
CA GLU B 233 -26.89 -32.42 -24.18
C GLU B 233 -27.33 -32.94 -25.54
N ASN B 234 -27.27 -32.10 -26.56
CA ASN B 234 -27.51 -32.58 -27.93
C ASN B 234 -26.26 -33.30 -28.47
N ASP B 235 -26.30 -33.78 -29.71
CA ASP B 235 -25.13 -34.45 -30.29
C ASP B 235 -23.92 -33.53 -30.37
N VAL B 236 -24.13 -32.24 -30.13
CA VAL B 236 -23.06 -31.25 -30.18
C VAL B 236 -23.28 -30.14 -29.13
N GLY B 237 -22.80 -30.37 -27.91
CA GLY B 237 -22.85 -29.35 -26.86
C GLY B 237 -23.72 -29.68 -25.65
N ARG B 238 -23.85 -28.70 -24.75
CA ARG B 238 -24.68 -28.84 -23.55
C ARG B 238 -25.36 -27.53 -23.20
N ALA B 239 -26.55 -27.62 -22.62
CA ALA B 239 -27.25 -26.47 -22.07
C ALA B 239 -27.79 -26.86 -20.70
N GLU B 240 -27.48 -26.08 -19.66
CA GLU B 240 -28.11 -26.23 -18.36
C GLU B 240 -28.93 -24.96 -18.07
N VAL B 241 -30.17 -25.14 -17.60
CA VAL B 241 -31.04 -24.04 -17.14
C VAL B 241 -31.52 -24.26 -15.70
N SER B 242 -31.54 -23.21 -14.86
CA SER B 242 -31.90 -23.40 -13.45
C SER B 242 -32.84 -22.35 -12.89
N VAL B 243 -33.81 -22.79 -12.09
CA VAL B 243 -34.85 -21.93 -11.49
C VAL B 243 -34.84 -22.07 -9.97
N GLN B 244 -35.71 -21.32 -9.27
CA GLN B 244 -35.84 -21.44 -7.79
C GLN B 244 -37.28 -21.52 -7.23
N VAL B 245 -37.36 -21.77 -5.91
CA VAL B 245 -38.61 -22.20 -5.29
C VAL B 245 -39.40 -21.13 -4.51
N ASN B 246 -38.78 -20.51 -3.51
CA ASN B 246 -39.46 -19.45 -2.73
C ASN B 246 -40.63 -19.91 -1.80
N VAL B 247 -40.26 -20.47 -0.63
CA VAL B 247 -41.23 -20.92 0.42
C VAL B 247 -41.34 -19.84 1.50
N SER B 248 -42.55 -19.62 1.99
CA SER B 248 -42.82 -18.38 2.74
C SER B 248 -42.89 -18.77 4.15
N PHE B 249 -42.59 -17.83 5.06
CA PHE B 249 -42.60 -18.01 6.50
C PHE B 249 -42.62 -16.62 7.15
N PRO B 250 -43.16 -16.51 8.35
CA PRO B 250 -43.23 -15.21 9.03
C PRO B 250 -41.99 -14.35 9.28
N ALA B 251 -42.24 -13.05 9.42
CA ALA B 251 -41.21 -12.08 9.65
C ALA B 251 -40.65 -12.15 11.06
N SER B 252 -39.35 -11.92 11.16
CA SER B 252 -38.60 -11.90 12.40
C SER B 252 -37.77 -10.62 12.31
N VAL B 253 -37.50 -9.98 13.45
CA VAL B 253 -36.75 -8.72 13.42
C VAL B 253 -36.01 -8.34 14.69
N GLN B 254 -34.83 -7.76 14.54
CA GLN B 254 -34.07 -7.32 15.70
C GLN B 254 -33.26 -6.05 15.42
N LEU B 255 -33.06 -5.26 16.48
CA LEU B 255 -32.32 -4.02 16.40
C LEU B 255 -31.13 -4.11 17.34
N HIS B 256 -30.05 -3.41 17.01
CA HIS B 256 -28.84 -3.42 17.82
C HIS B 256 -28.56 -2.01 18.37
N THR B 257 -27.77 -1.95 19.44
CA THR B 257 -27.38 -0.69 20.06
C THR B 257 -26.91 0.29 18.97
N ALA B 258 -27.39 1.52 19.04
CA ALA B 258 -27.01 2.54 18.05
C ALA B 258 -25.50 2.74 18.08
N VAL B 259 -24.90 2.92 16.92
CA VAL B 259 -23.47 3.11 16.87
C VAL B 259 -23.07 4.31 16.00
N GLU B 260 -22.15 5.12 16.49
CA GLU B 260 -21.70 6.29 15.72
C GLU B 260 -20.46 5.94 14.90
N MET B 261 -20.60 6.01 13.57
CA MET B 261 -19.49 5.76 12.65
C MET B 261 -19.35 7.09 11.88
N HIS B 262 -19.33 7.06 10.56
CA HIS B 262 -19.26 8.32 9.81
C HIS B 262 -20.59 8.98 10.15
N HIS B 263 -21.64 8.17 10.03
CA HIS B 263 -22.99 8.58 10.31
C HIS B 263 -23.36 7.71 11.49
N TRP B 264 -24.43 8.06 12.18
CA TRP B 264 -24.93 7.26 13.28
C TRP B 264 -25.72 6.14 12.61
N CYS B 265 -25.84 5.01 13.28
CA CYS B 265 -26.57 3.93 12.69
C CYS B 265 -27.21 3.06 13.75
N ILE B 266 -28.46 2.69 13.48
CA ILE B 266 -29.19 1.79 14.37
C ILE B 266 -29.23 0.55 13.51
N PRO B 267 -28.34 -0.42 13.79
CA PRO B 267 -28.31 -1.64 12.99
C PRO B 267 -29.55 -2.52 13.16
N PHE B 268 -29.97 -3.17 12.07
CA PHE B 268 -31.13 -4.03 12.13
C PHE B 268 -30.93 -5.26 11.25
N SER B 269 -31.59 -6.34 11.64
CA SER B 269 -31.53 -7.58 10.88
C SER B 269 -32.98 -8.04 10.80
N VAL B 270 -33.42 -8.34 9.58
CA VAL B 270 -34.81 -8.74 9.35
C VAL B 270 -34.93 -9.91 8.35
N ASP B 271 -35.77 -10.89 8.68
CA ASP B 271 -35.98 -12.06 7.82
C ASP B 271 -37.48 -12.26 7.59
N GLY B 272 -37.83 -13.20 6.74
CA GLY B 272 -39.23 -13.46 6.45
C GLY B 272 -39.45 -13.73 4.98
N GLN B 273 -40.39 -14.61 4.66
CA GLN B 273 -40.69 -14.92 3.27
C GLN B 273 -42.17 -15.11 3.14
N PRO B 274 -42.85 -14.26 2.33
CA PRO B 274 -42.24 -13.15 1.56
C PRO B 274 -41.41 -12.15 2.41
N ALA B 275 -40.48 -11.47 1.75
CA ALA B 275 -39.66 -10.48 2.44
C ALA B 275 -40.62 -9.42 2.96
N PRO B 276 -40.40 -8.96 4.21
CA PRO B 276 -41.31 -7.94 4.75
C PRO B 276 -41.06 -6.48 4.31
N SER B 277 -42.12 -5.67 4.39
CA SER B 277 -42.00 -4.26 4.07
C SER B 277 -41.61 -3.67 5.43
N LEU B 278 -40.79 -2.63 5.42
CA LEU B 278 -40.32 -2.02 6.65
C LEU B 278 -40.90 -0.66 6.89
N ARG B 279 -41.05 -0.33 8.16
CA ARG B 279 -41.55 0.97 8.60
C ARG B 279 -40.97 1.23 9.99
N TRP B 280 -40.62 2.50 10.24
CA TRP B 280 -40.02 2.92 11.51
C TRP B 280 -40.93 3.80 12.35
N LEU B 281 -40.72 3.78 13.65
CA LEU B 281 -41.48 4.65 14.53
C LEU B 281 -40.47 5.35 15.42
N PHE B 282 -40.79 6.58 15.79
CA PHE B 282 -39.95 7.30 16.71
C PHE B 282 -40.88 7.75 17.83
N ASN B 283 -40.68 7.13 19.00
CA ASN B 283 -41.49 7.40 20.18
C ASN B 283 -42.95 7.01 19.94
N GLY B 284 -43.14 5.89 19.24
CA GLY B 284 -44.49 5.40 18.97
C GLY B 284 -45.25 5.95 17.79
N SER B 285 -44.72 6.99 17.16
CA SER B 285 -45.39 7.58 16.02
C SER B 285 -44.58 7.40 14.72
N VAL B 286 -45.27 7.46 13.58
CA VAL B 286 -44.59 7.29 12.31
C VAL B 286 -43.41 8.23 12.13
N LEU B 287 -42.31 7.65 11.67
CA LEU B 287 -41.08 8.39 11.42
C LEU B 287 -40.94 8.44 9.92
N ASN B 288 -41.01 9.63 9.33
CA ASN B 288 -40.87 9.74 7.87
C ASN B 288 -39.41 9.97 7.53
N GLU B 289 -38.89 9.10 6.68
CA GLU B 289 -37.50 9.19 6.31
C GLU B 289 -37.22 10.44 5.48
N THR B 290 -36.02 11.00 5.63
CA THR B 290 -35.59 12.22 4.93
C THR B 290 -34.23 11.96 4.30
N SER B 291 -33.55 13.02 3.91
CA SER B 291 -32.22 12.87 3.32
C SER B 291 -31.22 12.69 4.48
N PHE B 292 -31.63 13.05 5.70
CA PHE B 292 -30.77 12.92 6.86
C PHE B 292 -31.10 11.76 7.80
N ILE B 293 -32.30 11.19 7.68
CA ILE B 293 -32.66 10.03 8.49
C ILE B 293 -33.41 9.07 7.61
N PHE B 294 -32.73 8.00 7.21
CA PHE B 294 -33.31 7.03 6.32
C PHE B 294 -32.72 5.65 6.54
N THR B 295 -33.44 4.67 5.99
CA THR B 295 -33.09 3.27 6.05
C THR B 295 -32.13 2.91 4.93
N GLU B 296 -31.11 2.14 5.26
CA GLU B 296 -30.20 1.74 4.24
C GLU B 296 -29.88 0.27 4.42
N PHE B 297 -30.00 -0.47 3.33
CA PHE B 297 -29.77 -1.91 3.30
C PHE B 297 -28.35 -2.21 2.90
N LEU B 298 -27.74 -3.22 3.52
CA LEU B 298 -26.40 -3.62 3.15
C LEU B 298 -26.71 -4.57 1.99
N GLU B 299 -25.69 -4.98 1.24
CA GLU B 299 -25.89 -5.90 0.13
C GLU B 299 -26.24 -7.28 0.66
N PRO B 300 -27.29 -7.91 0.10
CA PRO B 300 -27.72 -9.25 0.54
C PRO B 300 -26.64 -10.29 0.34
N ALA B 301 -26.40 -11.10 1.36
CA ALA B 301 -25.37 -12.14 1.27
C ALA B 301 -25.87 -13.36 0.51
N ALA B 302 -24.92 -14.21 0.15
CA ALA B 302 -25.21 -15.43 -0.60
C ALA B 302 -26.19 -16.38 0.07
N ASN B 303 -27.22 -16.75 -0.69
CA ASN B 303 -28.26 -17.69 -0.25
C ASN B 303 -28.64 -17.70 1.23
N GLU B 304 -29.41 -16.68 1.57
CA GLU B 304 -29.94 -16.45 2.91
C GLU B 304 -30.88 -15.28 2.70
N THR B 305 -32.11 -15.45 3.17
CA THR B 305 -33.15 -14.44 3.01
C THR B 305 -33.00 -13.28 3.99
N VAL B 306 -32.19 -13.45 5.03
CA VAL B 306 -32.02 -12.40 6.03
C VAL B 306 -31.35 -11.17 5.42
N ARG B 307 -31.86 -9.99 5.79
CA ARG B 307 -31.34 -8.71 5.34
C ARG B 307 -30.80 -7.92 6.54
N HIS B 308 -29.70 -7.20 6.33
CA HIS B 308 -29.09 -6.39 7.38
C HIS B 308 -29.02 -4.96 6.88
N GLY B 309 -28.90 -4.00 7.80
CA GLY B 309 -28.82 -2.62 7.41
C GLY B 309 -28.78 -1.72 8.63
N CYS B 310 -29.15 -0.46 8.44
CA CYS B 310 -29.16 0.56 9.48
C CYS B 310 -30.24 1.57 9.23
N LEU B 311 -30.63 2.26 10.29
CA LEU B 311 -31.49 3.41 10.12
C LEU B 311 -30.26 4.34 10.22
N ARG B 312 -29.97 5.09 9.17
CA ARG B 312 -28.83 5.98 9.15
C ARG B 312 -29.26 7.37 9.59
N LEU B 313 -28.51 7.98 10.51
CA LEU B 313 -28.84 9.33 11.00
C LEU B 313 -27.66 10.24 10.70
N ASN B 314 -27.88 11.22 9.82
CA ASN B 314 -26.82 12.14 9.45
C ASN B 314 -26.73 13.29 10.44
N GLN B 315 -25.73 13.24 11.32
CA GLN B 315 -25.55 14.28 12.32
C GLN B 315 -26.83 14.57 13.12
N PRO B 316 -27.33 13.57 13.87
CA PRO B 316 -28.54 13.73 14.70
C PRO B 316 -28.21 14.49 16.00
N THR B 317 -29.18 15.19 16.58
CA THR B 317 -28.91 15.89 17.82
C THR B 317 -29.74 15.27 18.94
N HIS B 318 -29.84 15.96 20.05
CA HIS B 318 -30.61 15.48 21.18
C HIS B 318 -32.09 15.39 20.86
N VAL B 319 -32.54 16.12 19.84
CA VAL B 319 -33.96 16.07 19.48
C VAL B 319 -34.30 14.73 18.81
N ASN B 320 -33.27 13.95 18.50
CA ASN B 320 -33.45 12.66 17.88
C ASN B 320 -33.35 11.56 18.91
N ASN B 321 -33.07 11.92 20.16
CA ASN B 321 -32.97 10.97 21.25
C ASN B 321 -34.36 10.39 21.49
N GLY B 322 -34.46 9.08 21.67
CA GLY B 322 -35.77 8.52 21.88
C GLY B 322 -35.83 7.06 21.53
N ASN B 323 -37.03 6.52 21.50
CA ASN B 323 -37.28 5.11 21.21
C ASN B 323 -37.57 4.92 19.74
N TYR B 324 -36.74 4.09 19.10
CA TYR B 324 -36.87 3.80 17.70
C TYR B 324 -37.44 2.41 17.53
N THR B 325 -38.50 2.32 16.73
CA THR B 325 -39.12 1.03 16.50
C THR B 325 -39.15 0.64 15.03
N LEU B 326 -38.69 -0.56 14.74
CA LEU B 326 -38.72 -1.09 13.38
C LEU B 326 -39.86 -2.13 13.29
N LEU B 327 -40.72 -1.96 12.26
CA LEU B 327 -41.86 -2.84 12.03
C LEU B 327 -41.70 -3.55 10.71
N ALA B 328 -41.61 -4.89 10.78
CA ALA B 328 -41.44 -5.77 9.62
C ALA B 328 -42.74 -6.52 9.36
N ALA B 329 -43.37 -6.25 8.22
CA ALA B 329 -44.65 -6.88 7.91
C ALA B 329 -44.73 -7.71 6.64
N ASN B 330 -45.43 -8.82 6.74
CA ASN B 330 -45.67 -9.64 5.57
C ASN B 330 -47.03 -10.30 5.74
N PRO B 331 -47.44 -11.15 4.79
CA PRO B 331 -48.74 -11.82 4.87
C PRO B 331 -49.08 -12.47 6.21
N PHE B 332 -48.10 -13.10 6.85
CA PHE B 332 -48.31 -13.78 8.12
C PHE B 332 -48.65 -12.85 9.25
N GLY B 333 -48.15 -11.63 9.16
CA GLY B 333 -48.39 -10.67 10.21
C GLY B 333 -47.23 -9.72 10.31
N GLN B 334 -46.90 -9.29 11.52
CA GLN B 334 -45.82 -8.33 11.69
C GLN B 334 -44.91 -8.52 12.92
N ALA B 335 -43.62 -8.26 12.73
CA ALA B 335 -42.67 -8.36 13.81
C ALA B 335 -42.21 -6.93 14.18
N SER B 336 -41.88 -6.74 15.44
CA SER B 336 -41.47 -5.41 15.87
C SER B 336 -40.30 -5.47 16.85
N ALA B 337 -39.49 -4.43 16.82
CA ALA B 337 -38.34 -4.34 17.71
C ALA B 337 -38.08 -2.87 18.00
N SER B 338 -37.78 -2.59 19.26
CA SER B 338 -37.52 -1.21 19.64
C SER B 338 -36.20 -1.05 20.36
N ILE B 339 -35.67 0.17 20.29
CA ILE B 339 -34.42 0.49 20.96
C ILE B 339 -34.34 1.99 21.23
N MET B 340 -33.79 2.33 22.38
CA MET B 340 -33.62 3.72 22.78
C MET B 340 -32.27 4.22 22.26
N ALA B 341 -32.27 5.41 21.68
CA ALA B 341 -31.03 5.98 21.19
C ALA B 341 -30.85 7.44 21.67
N ALA B 342 -29.67 7.71 22.24
CA ALA B 342 -29.27 9.03 22.71
C ALA B 342 -28.07 9.43 21.82
N PHE B 343 -28.18 10.57 21.17
CA PHE B 343 -27.13 11.01 20.26
C PHE B 343 -26.35 12.18 20.82
N MET B 344 -26.93 12.84 21.82
CA MET B 344 -26.34 14.03 22.40
C MET B 344 -27.12 14.44 23.63
N ASP B 345 -26.43 14.92 24.65
CA ASP B 345 -27.10 15.39 25.86
C ASP B 345 -27.82 16.71 25.52
N ASN B 346 -28.98 16.97 26.11
CA ASN B 346 -29.69 18.22 25.81
C ASN B 346 -29.23 19.34 26.71
N PRO B 347 -29.57 20.58 26.34
CA PRO B 347 -29.21 21.78 27.10
C PRO B 347 -29.91 21.82 28.47
N SER C 2 5.88 28.00 -10.11
CA SER C 2 7.27 27.73 -9.67
C SER C 2 7.34 26.50 -8.76
N SER C 3 8.55 25.96 -8.61
CA SER C 3 8.82 24.79 -7.80
C SER C 3 9.30 25.17 -6.39
N HIS C 4 8.42 25.08 -5.40
CA HIS C 4 8.78 25.40 -4.03
C HIS C 4 8.70 24.14 -3.16
N PRO C 5 9.73 23.89 -2.33
CA PRO C 5 9.77 22.72 -1.44
C PRO C 5 8.46 22.37 -0.74
N ILE C 6 7.65 23.38 -0.45
CA ILE C 6 6.39 23.19 0.23
C ILE C 6 5.37 22.30 -0.49
N PHE C 7 5.38 22.31 -1.81
CA PHE C 7 4.45 21.49 -2.56
C PHE C 7 4.72 20.03 -2.30
N HIS C 8 5.88 19.76 -1.73
CA HIS C 8 6.23 18.40 -1.43
C HIS C 8 6.24 18.12 0.06
N ARG C 9 6.77 19.07 0.82
CA ARG C 9 6.90 18.89 2.26
C ARG C 9 5.85 19.52 3.17
N GLY C 10 4.83 20.15 2.60
CA GLY C 10 3.79 20.78 3.40
C GLY C 10 2.66 19.86 3.88
N GLU C 11 1.76 20.42 4.68
CA GLU C 11 0.64 19.64 5.19
C GLU C 11 -0.56 19.89 4.29
N PHE C 12 -1.02 18.80 3.69
CA PHE C 12 -2.12 18.84 2.75
C PHE C 12 -3.38 18.25 3.38
N SER C 13 -4.49 18.42 2.67
CA SER C 13 -5.80 17.92 3.08
C SER C 13 -6.03 16.63 2.35
N VAL C 14 -6.83 15.73 2.91
CA VAL C 14 -7.15 14.48 2.23
C VAL C 14 -8.29 14.86 1.28
N CYS C 15 -9.04 15.88 1.66
CA CYS C 15 -10.15 16.36 0.85
C CYS C 15 -10.09 17.87 0.73
N ASP C 16 -10.26 18.37 -0.50
CA ASP C 16 -10.24 19.80 -0.77
C ASP C 16 -11.60 20.46 -0.65
N SER C 17 -11.61 21.60 0.04
CA SER C 17 -12.83 22.35 0.28
C SER C 17 -12.72 23.79 -0.19
N VAL C 18 -13.77 24.56 0.04
CA VAL C 18 -13.82 25.95 -0.36
C VAL C 18 -14.79 26.67 0.55
N SER C 19 -14.34 27.78 1.14
CA SER C 19 -15.19 28.58 2.04
C SER C 19 -15.67 29.82 1.31
N VAL C 20 -16.94 30.15 1.53
CA VAL C 20 -17.56 31.32 0.93
C VAL C 20 -18.53 31.91 1.94
N TRP C 21 -19.01 33.11 1.65
CA TRP C 21 -19.95 33.83 2.50
C TRP C 21 -21.32 33.82 1.80
N VAL C 22 -22.30 33.15 2.39
CA VAL C 22 -23.64 33.08 1.80
C VAL C 22 -24.63 34.06 2.40
N GLY C 23 -25.07 35.02 1.59
CA GLY C 23 -26.03 36.00 2.09
C GLY C 23 -27.34 36.02 1.32
N ASP C 24 -27.53 35.04 0.43
CA ASP C 24 -28.75 34.95 -0.38
C ASP C 24 -29.55 33.72 -0.03
N LYS C 25 -29.30 33.18 1.16
CA LYS C 25 -29.99 32.00 1.65
C LYS C 25 -31.42 32.42 1.96
N THR C 26 -32.41 31.65 1.51
CA THR C 26 -33.82 31.98 1.79
C THR C 26 -34.55 30.80 2.41
N THR C 27 -34.00 29.61 2.24
CA THR C 27 -34.57 28.41 2.82
C THR C 27 -33.42 27.62 3.43
N ALA C 28 -33.73 26.70 4.32
CA ALA C 28 -32.74 25.86 4.99
C ALA C 28 -33.59 24.86 5.75
N THR C 29 -32.99 23.81 6.30
CA THR C 29 -33.79 22.88 7.07
C THR C 29 -33.43 23.09 8.53
N ASP C 30 -34.42 23.08 9.41
CA ASP C 30 -34.15 23.30 10.82
C ASP C 30 -33.64 22.03 11.49
N ILE C 31 -33.58 22.03 12.82
CA ILE C 31 -33.07 20.87 13.52
C ILE C 31 -34.06 19.72 13.52
N LYS C 32 -35.32 20.03 13.24
CA LYS C 32 -36.32 18.98 13.20
C LYS C 32 -36.37 18.46 11.77
N GLY C 33 -35.43 18.88 10.95
CA GLY C 33 -35.38 18.42 9.57
C GLY C 33 -36.47 19.04 8.72
N LYS C 34 -37.14 20.03 9.30
CA LYS C 34 -38.23 20.74 8.62
C LYS C 34 -37.61 21.81 7.72
N GLU C 35 -38.23 22.07 6.57
CA GLU C 35 -37.74 23.12 5.67
C GLU C 35 -38.26 24.44 6.22
N VAL C 36 -37.40 25.42 6.36
CA VAL C 36 -37.83 26.68 6.92
C VAL C 36 -37.33 27.87 6.09
N MET C 37 -38.00 29.01 6.26
CA MET C 37 -37.63 30.23 5.54
C MET C 37 -36.69 31.09 6.37
N VAL C 38 -35.62 31.56 5.73
CA VAL C 38 -34.57 32.38 6.35
C VAL C 38 -34.76 33.86 6.04
N LEU C 39 -34.86 34.70 7.07
CA LEU C 39 -35.04 36.14 6.87
C LEU C 39 -33.78 36.74 6.26
N GLY C 40 -33.94 37.62 5.30
CA GLY C 40 -32.79 38.22 4.67
C GLY C 40 -32.10 39.18 5.64
N GLU C 41 -32.88 39.65 6.60
CA GLU C 41 -32.34 40.58 7.57
C GLU C 41 -32.83 40.31 8.96
N VAL C 42 -32.19 40.96 9.92
CA VAL C 42 -32.52 40.84 11.34
C VAL C 42 -32.16 42.20 11.93
N ASN C 43 -32.62 42.52 13.12
CA ASN C 43 -32.26 43.81 13.68
C ASN C 43 -32.23 43.80 15.20
N ILE C 44 -31.09 44.22 15.75
CA ILE C 44 -30.90 44.25 17.19
C ILE C 44 -31.18 45.63 17.78
N ASN C 45 -32.27 45.70 18.53
CA ASN C 45 -32.74 46.92 19.18
C ASN C 45 -32.16 48.16 18.50
N ASN C 46 -32.13 48.13 17.17
CA ASN C 46 -31.56 49.23 16.39
C ASN C 46 -31.74 49.02 14.89
N SER C 47 -30.63 49.18 14.16
CA SER C 47 -30.61 49.01 12.71
C SER C 47 -30.55 47.53 12.35
N VAL C 48 -30.58 47.25 11.04
CA VAL C 48 -30.57 45.87 10.55
C VAL C 48 -29.24 45.30 10.05
N PHE C 49 -29.00 44.04 10.39
CA PHE C 49 -27.82 43.31 9.99
C PHE C 49 -28.30 42.35 8.92
N LYS C 50 -27.84 42.50 7.68
CA LYS C 50 -28.25 41.56 6.64
C LYS C 50 -27.65 40.20 7.03
N GLN C 51 -28.49 39.17 7.08
CA GLN C 51 -28.07 37.82 7.49
C GLN C 51 -27.10 37.11 6.54
N TYR C 52 -25.88 36.88 6.99
CA TYR C 52 -24.84 36.21 6.19
C TYR C 52 -24.39 34.93 6.88
N PHE C 53 -23.96 33.94 6.10
CA PHE C 53 -23.50 32.68 6.66
C PHE C 53 -22.15 32.22 6.12
N PHE C 54 -21.31 31.71 7.01
CA PHE C 54 -20.01 31.20 6.60
C PHE C 54 -20.12 29.75 6.23
N GLU C 55 -19.93 29.43 4.96
CA GLU C 55 -20.03 28.06 4.53
C GLU C 55 -18.79 27.46 3.86
N THR C 56 -18.56 26.18 4.15
CA THR C 56 -17.44 25.44 3.57
C THR C 56 -18.01 24.12 3.05
N LYS C 57 -17.78 23.84 1.77
CA LYS C 57 -18.26 22.61 1.15
C LYS C 57 -17.11 21.98 0.38
N CYS C 58 -17.35 20.82 -0.20
CA CYS C 58 -16.30 20.18 -0.95
C CYS C 58 -16.02 20.95 -2.25
N ARG C 59 -14.74 21.16 -2.50
CA ARG C 59 -14.28 21.86 -3.68
C ARG C 59 -14.34 20.83 -4.79
N ASP C 60 -14.93 21.20 -5.91
CA ASP C 60 -15.08 20.31 -7.05
C ASP C 60 -14.17 19.08 -7.03
N GLY C 67 -11.17 9.12 -5.20
CA GLY C 67 -11.25 9.03 -3.72
C GLY C 67 -10.52 10.18 -3.05
N CYS C 68 -10.14 9.96 -1.79
CA CYS C 68 -9.43 10.97 -1.03
C CYS C 68 -7.93 10.85 -1.21
N ARG C 69 -7.22 11.91 -0.86
CA ARG C 69 -5.77 11.93 -0.96
C ARG C 69 -5.14 11.09 0.16
N GLY C 70 -4.07 10.39 -0.19
CA GLY C 70 -3.33 9.56 0.77
C GLY C 70 -4.01 8.32 1.33
N ILE C 71 -5.04 7.82 0.66
CA ILE C 71 -5.75 6.63 1.14
C ILE C 71 -5.09 5.34 0.65
N ASP C 72 -5.02 4.34 1.53
CA ASP C 72 -4.47 3.05 1.16
C ASP C 72 -5.55 2.34 0.34
N SER C 73 -5.51 2.56 -0.97
CA SER C 73 -6.46 1.99 -1.91
C SER C 73 -6.50 0.48 -2.02
N LYS C 74 -5.64 -0.21 -1.27
CA LYS C 74 -5.62 -1.66 -1.33
C LYS C 74 -6.68 -2.29 -0.44
N HIS C 75 -7.05 -1.57 0.61
CA HIS C 75 -8.01 -2.07 1.56
C HIS C 75 -9.23 -1.19 1.68
N TRP C 76 -9.15 0.02 1.14
CA TRP C 76 -10.24 0.96 1.26
C TRP C 76 -10.72 1.71 0.05
N ASN C 77 -12.02 1.87 -0.02
CA ASN C 77 -12.63 2.65 -1.07
C ASN C 77 -12.77 3.97 -0.33
N SER C 78 -13.01 5.06 -1.04
CA SER C 78 -13.16 6.31 -0.35
C SER C 78 -13.75 7.40 -1.21
N TYR C 79 -14.28 8.41 -0.55
CA TYR C 79 -14.85 9.56 -1.24
C TYR C 79 -14.91 10.76 -0.31
N CYS C 80 -14.93 11.95 -0.90
CA CYS C 80 -14.99 13.17 -0.13
C CYS C 80 -16.44 13.58 -0.15
N THR C 81 -16.88 14.17 0.95
CA THR C 81 -18.27 14.58 1.05
C THR C 81 -18.42 15.75 2.02
N THR C 82 -19.43 16.58 1.77
CA THR C 82 -19.71 17.74 2.60
C THR C 82 -20.50 17.40 3.84
N THR C 83 -19.98 17.80 5.00
CA THR C 83 -20.70 17.58 6.24
C THR C 83 -21.26 18.93 6.67
N HIS C 84 -22.16 18.93 7.64
CA HIS C 84 -22.76 20.17 8.08
C HIS C 84 -22.56 20.56 9.54
N THR C 85 -23.21 21.65 9.92
CA THR C 85 -23.16 22.14 11.29
C THR C 85 -24.48 22.85 11.53
N PHE C 86 -24.84 23.06 12.80
CA PHE C 86 -26.07 23.74 13.12
C PHE C 86 -25.77 25.12 13.66
N VAL C 87 -26.36 26.11 12.99
CA VAL C 87 -26.14 27.49 13.36
C VAL C 87 -27.47 28.25 13.57
N LYS C 88 -27.51 29.12 14.55
CA LYS C 88 -28.73 29.87 14.83
C LYS C 88 -29.01 30.84 13.69
N ALA C 89 -30.28 31.16 13.47
CA ALA C 89 -30.68 32.08 12.40
C ALA C 89 -32.13 32.56 12.55
N LEU C 90 -32.43 33.77 12.07
CA LEU C 90 -33.80 34.27 12.13
C LEU C 90 -34.58 33.62 10.98
N THR C 91 -35.54 32.78 11.35
CA THR C 91 -36.34 32.00 10.41
C THR C 91 -37.84 32.16 10.57
N MET C 92 -38.59 31.70 9.56
CA MET C 92 -40.05 31.73 9.59
C MET C 92 -40.50 30.27 9.64
N ASP C 93 -40.76 29.82 10.87
CA ASP C 93 -41.16 28.44 11.17
C ASP C 93 -42.34 27.85 10.41
N GLY C 94 -42.92 28.61 9.48
CA GLY C 94 -44.07 28.11 8.75
C GLY C 94 -45.30 28.61 9.49
N LYS C 95 -45.06 29.58 10.37
CA LYS C 95 -46.10 30.19 11.18
C LYS C 95 -45.68 31.56 11.75
N GLN C 96 -44.56 31.59 12.48
CA GLN C 96 -44.06 32.85 13.06
C GLN C 96 -42.54 33.00 13.04
N ALA C 97 -42.05 34.24 13.20
CA ALA C 97 -40.61 34.54 13.18
C ALA C 97 -39.89 34.06 14.43
N ALA C 98 -38.83 33.27 14.23
CA ALA C 98 -38.10 32.71 15.35
C ALA C 98 -36.62 32.44 15.11
N TRP C 99 -35.89 32.52 16.21
CA TRP C 99 -34.46 32.27 16.27
C TRP C 99 -34.36 30.75 16.33
N ARG C 100 -33.91 30.14 15.24
CA ARG C 100 -33.80 28.69 15.17
C ARG C 100 -32.49 28.23 14.54
N PHE C 101 -32.06 27.02 14.94
CA PHE C 101 -30.83 26.41 14.44
C PHE C 101 -31.04 25.79 13.05
N ILE C 102 -30.33 26.27 12.04
CA ILE C 102 -30.46 25.70 10.70
C ILE C 102 -29.20 24.97 10.24
N ARG C 103 -29.38 24.03 9.32
CA ARG C 103 -28.26 23.25 8.80
C ARG C 103 -27.54 23.92 7.60
N ILE C 104 -26.23 24.15 7.73
CA ILE C 104 -25.41 24.75 6.67
C ILE C 104 -24.11 23.97 6.43
N ASP C 105 -23.58 24.05 5.21
CA ASP C 105 -22.33 23.35 4.91
C ASP C 105 -21.26 23.90 5.81
N THR C 106 -20.37 23.05 6.31
CA THR C 106 -19.33 23.52 7.20
C THR C 106 -17.93 22.93 7.04
N ALA C 107 -17.84 21.86 6.26
CA ALA C 107 -16.55 21.21 6.04
C ALA C 107 -16.64 20.17 4.93
N CYS C 108 -15.50 19.58 4.59
CA CYS C 108 -15.46 18.55 3.57
C CYS C 108 -14.58 17.44 4.12
N VAL C 109 -15.17 16.26 4.34
CA VAL C 109 -14.44 15.12 4.90
C VAL C 109 -14.38 13.89 4.00
N CYS C 110 -13.48 12.99 4.39
CA CYS C 110 -13.25 11.74 3.67
C CYS C 110 -14.04 10.61 4.29
N VAL C 111 -14.71 9.82 3.46
CA VAL C 111 -15.52 8.64 3.88
C VAL C 111 -14.88 7.30 3.43
N LEU C 112 -14.61 6.43 4.41
CA LEU C 112 -14.02 5.13 4.16
C LEU C 112 -15.04 3.99 4.02
N SER C 113 -14.71 3.00 3.20
CA SER C 113 -15.58 1.84 3.01
C SER C 113 -14.65 0.70 2.58
N ARG C 114 -14.69 -0.41 3.30
CA ARG C 114 -13.81 -1.54 3.00
C ARG C 114 -13.96 -2.17 1.63
N LYS C 115 -12.89 -2.78 1.16
CA LYS C 115 -12.86 -3.43 -0.15
C LYS C 115 -12.98 -4.96 -0.08
N SER D 2 -21.71 -7.07 18.50
CA SER D 2 -20.72 -6.46 17.57
C SER D 2 -20.42 -7.39 16.41
N SER D 3 -21.33 -8.34 16.19
CA SER D 3 -21.16 -9.29 15.10
C SER D 3 -21.96 -8.82 13.87
N HIS D 4 -22.57 -7.64 13.96
CA HIS D 4 -23.36 -7.14 12.84
C HIS D 4 -22.47 -6.82 11.68
N PRO D 5 -22.89 -7.21 10.48
CA PRO D 5 -22.14 -6.96 9.24
C PRO D 5 -21.66 -5.53 9.11
N ILE D 6 -22.50 -4.57 9.50
CA ILE D 6 -22.16 -3.16 9.41
C ILE D 6 -20.86 -2.80 10.12
N PHE D 7 -20.52 -3.51 11.19
CA PHE D 7 -19.29 -3.21 11.89
C PHE D 7 -18.13 -3.53 10.98
N HIS D 8 -18.42 -4.13 9.84
CA HIS D 8 -17.39 -4.46 8.89
C HIS D 8 -17.59 -3.78 7.51
N ARG D 9 -18.82 -3.78 7.01
CA ARG D 9 -19.11 -3.20 5.72
C ARG D 9 -19.67 -1.78 5.74
N GLY D 10 -19.62 -1.14 6.91
CA GLY D 10 -20.14 0.22 7.07
C GLY D 10 -19.23 1.31 6.57
N GLU D 11 -19.76 2.53 6.51
CA GLU D 11 -18.98 3.66 6.06
C GLU D 11 -18.40 4.29 7.32
N PHE D 12 -17.07 4.37 7.36
CA PHE D 12 -16.36 4.89 8.51
C PHE D 12 -15.77 6.26 8.29
N SER D 13 -15.48 6.93 9.39
CA SER D 13 -14.87 8.25 9.38
C SER D 13 -13.37 8.03 9.32
N VAL D 14 -12.67 8.99 8.72
CA VAL D 14 -11.22 8.91 8.62
C VAL D 14 -10.74 9.43 9.97
N CYS D 15 -11.49 10.39 10.49
CA CYS D 15 -11.20 10.99 11.79
C CYS D 15 -12.50 11.01 12.58
N ASP D 16 -12.40 10.60 13.84
CA ASP D 16 -13.57 10.56 14.71
C ASP D 16 -13.80 11.86 15.48
N SER D 17 -15.06 12.28 15.50
CA SER D 17 -15.47 13.51 16.15
C SER D 17 -16.55 13.28 17.19
N VAL D 18 -16.86 14.34 17.90
CA VAL D 18 -17.90 14.31 18.91
C VAL D 18 -18.56 15.67 18.77
N SER D 19 -19.89 15.70 18.93
CA SER D 19 -20.69 16.94 18.83
C SER D 19 -21.41 17.27 20.14
N VAL D 20 -21.31 18.53 20.55
CA VAL D 20 -21.94 18.94 21.78
C VAL D 20 -22.47 20.35 21.67
N TRP D 21 -23.37 20.70 22.58
CA TRP D 21 -23.93 22.03 22.64
C TRP D 21 -23.05 22.74 23.64
N VAL D 22 -22.44 23.85 23.24
CA VAL D 22 -21.58 24.57 24.16
C VAL D 22 -22.35 25.80 24.60
N GLY D 23 -22.55 25.93 25.91
CA GLY D 23 -23.29 27.05 26.45
C GLY D 23 -22.57 27.81 27.54
N ASP D 24 -21.36 27.41 27.86
CA ASP D 24 -20.61 28.10 28.89
C ASP D 24 -19.48 28.90 28.29
N LYS D 25 -19.51 29.09 26.98
CA LYS D 25 -18.47 29.86 26.30
C LYS D 25 -18.46 31.34 26.74
N THR D 26 -17.29 31.79 27.21
CA THR D 26 -17.12 33.17 27.70
C THR D 26 -16.21 34.01 26.83
N THR D 27 -15.19 33.40 26.25
CA THR D 27 -14.26 34.12 25.39
C THR D 27 -14.18 33.40 24.05
N ALA D 28 -13.69 34.11 23.04
CA ALA D 28 -13.56 33.55 21.71
C ALA D 28 -12.71 34.54 20.94
N THR D 29 -12.36 34.20 19.70
CA THR D 29 -11.57 35.12 18.90
C THR D 29 -12.42 35.45 17.69
N ASP D 30 -12.45 36.73 17.33
CA ASP D 30 -13.27 37.17 16.21
C ASP D 30 -12.63 36.96 14.85
N ILE D 31 -13.31 37.47 13.82
CA ILE D 31 -12.86 37.37 12.46
C ILE D 31 -11.53 38.07 12.23
N LYS D 32 -11.18 38.96 13.15
CA LYS D 32 -9.93 39.67 13.02
C LYS D 32 -8.84 39.00 13.85
N GLY D 33 -9.18 37.93 14.55
CA GLY D 33 -8.19 37.24 15.34
C GLY D 33 -8.04 37.79 16.74
N LYS D 34 -8.89 38.73 17.11
CA LYS D 34 -8.85 39.35 18.43
C LYS D 34 -9.68 38.65 19.48
N GLU D 35 -9.09 38.45 20.64
CA GLU D 35 -9.77 37.80 21.75
C GLU D 35 -10.90 38.68 22.25
N VAL D 36 -12.14 38.22 22.08
CA VAL D 36 -13.29 38.98 22.53
C VAL D 36 -14.16 38.21 23.54
N MET D 37 -15.01 38.95 24.24
CA MET D 37 -15.90 38.36 25.24
C MET D 37 -17.23 37.94 24.65
N VAL D 38 -17.66 36.75 25.04
CA VAL D 38 -18.91 36.19 24.56
C VAL D 38 -19.94 36.26 25.67
N LEU D 39 -21.05 36.96 25.42
CA LEU D 39 -22.11 37.06 26.43
C LEU D 39 -22.87 35.71 26.56
N GLY D 40 -23.65 35.57 27.62
CA GLY D 40 -24.39 34.33 27.82
C GLY D 40 -25.84 34.37 27.37
N GLU D 41 -26.33 35.55 27.04
CA GLU D 41 -27.71 35.71 26.60
C GLU D 41 -27.71 36.78 25.52
N VAL D 42 -28.79 36.86 24.76
CA VAL D 42 -28.88 37.84 23.70
C VAL D 42 -30.35 38.19 23.48
N ASN D 43 -30.62 39.42 23.07
CA ASN D 43 -32.00 39.86 22.87
C ASN D 43 -32.39 39.94 21.39
N ILE D 44 -32.99 38.86 20.89
CA ILE D 44 -33.44 38.80 19.51
C ILE D 44 -34.92 39.15 19.49
N ASN D 45 -35.22 40.38 19.12
CA ASN D 45 -36.60 40.86 19.04
C ASN D 45 -37.42 40.68 20.32
N ASN D 46 -36.96 41.28 21.41
CA ASN D 46 -37.68 41.20 22.68
C ASN D 46 -37.64 39.82 23.32
N SER D 47 -36.99 38.87 22.67
CA SER D 47 -36.89 37.53 23.21
C SER D 47 -35.49 37.22 23.69
N VAL D 48 -35.36 37.15 25.01
CA VAL D 48 -34.09 36.86 25.64
C VAL D 48 -33.65 35.43 25.32
N PHE D 49 -32.45 35.28 24.76
CA PHE D 49 -31.90 33.97 24.40
C PHE D 49 -30.60 33.64 25.13
N LYS D 50 -30.44 32.39 25.51
CA LYS D 50 -29.21 31.95 26.18
C LYS D 50 -28.30 31.58 25.01
N GLN D 51 -27.09 32.15 24.94
CA GLN D 51 -26.20 31.85 23.83
C GLN D 51 -25.62 30.42 23.88
N TYR D 52 -25.97 29.63 22.86
CA TYR D 52 -25.55 28.23 22.74
C TYR D 52 -24.88 28.02 21.40
N PHE D 53 -23.94 27.07 21.31
CA PHE D 53 -23.27 26.79 20.05
C PHE D 53 -23.16 25.31 19.76
N PHE D 54 -23.33 24.94 18.48
CA PHE D 54 -23.17 23.56 18.08
C PHE D 54 -21.71 23.42 17.70
N GLU D 55 -20.96 22.63 18.46
CA GLU D 55 -19.55 22.45 18.18
C GLU D 55 -19.15 20.99 18.02
N THR D 56 -18.28 20.76 17.03
CA THR D 56 -17.76 19.44 16.72
C THR D 56 -16.24 19.51 16.77
N LYS D 57 -15.63 18.57 17.49
CA LYS D 57 -14.20 18.54 17.63
C LYS D 57 -13.70 17.11 17.57
N CYS D 58 -12.40 16.95 17.36
CA CYS D 58 -11.81 15.61 17.30
C CYS D 58 -12.04 14.89 18.60
N ARG D 59 -12.37 13.60 18.51
CA ARG D 59 -12.64 12.79 19.68
C ARG D 59 -11.40 12.52 20.55
N ASP D 60 -10.29 13.15 20.23
CA ASP D 60 -9.06 12.95 21.00
C ASP D 60 -8.94 11.51 21.49
N GLY D 67 -2.20 9.30 13.95
CA GLY D 67 -2.56 9.16 12.50
C GLY D 67 -4.01 8.85 12.22
N CYS D 68 -4.50 9.24 11.05
CA CYS D 68 -5.88 9.01 10.67
C CYS D 68 -6.13 7.61 10.09
N ARG D 69 -7.39 7.19 10.15
CA ARG D 69 -7.82 5.87 9.67
C ARG D 69 -7.80 5.72 8.15
N GLY D 70 -7.35 4.56 7.69
CA GLY D 70 -7.31 4.29 6.26
C GLY D 70 -6.16 4.90 5.47
N ILE D 71 -5.30 5.68 6.12
CA ILE D 71 -4.17 6.34 5.45
C ILE D 71 -3.08 5.34 5.05
N ASP D 72 -2.39 5.64 3.94
CA ASP D 72 -1.30 4.77 3.51
C ASP D 72 -0.12 5.20 4.37
N SER D 73 0.07 4.52 5.51
CA SER D 73 1.13 4.89 6.41
C SER D 73 2.52 4.55 5.92
N LYS D 74 2.61 3.82 4.82
CA LYS D 74 3.91 3.52 4.26
C LYS D 74 4.46 4.87 3.77
N HIS D 75 3.64 5.60 3.02
CA HIS D 75 4.03 6.89 2.44
C HIS D 75 3.59 8.18 3.15
N TRP D 76 2.75 8.11 4.18
CA TRP D 76 2.30 9.35 4.82
C TRP D 76 2.19 9.43 6.32
N ASN D 77 2.66 10.55 6.86
CA ASN D 77 2.52 10.82 8.28
C ASN D 77 1.14 11.46 8.22
N SER D 78 0.41 11.42 9.33
CA SER D 78 -0.89 12.04 9.34
C SER D 78 -1.44 12.10 10.75
N TYR D 79 -2.42 12.96 10.94
CA TYR D 79 -3.05 13.11 12.24
C TYR D 79 -4.39 13.81 12.05
N CYS D 80 -5.25 13.71 13.05
CA CYS D 80 -6.56 14.33 12.97
C CYS D 80 -6.56 15.64 13.70
N THR D 81 -7.28 16.60 13.16
CA THR D 81 -7.32 17.88 13.83
C THR D 81 -8.65 18.60 13.69
N THR D 82 -8.97 19.39 14.70
CA THR D 82 -10.19 20.16 14.76
C THR D 82 -10.17 21.42 13.90
N THR D 83 -11.10 21.54 12.96
CA THR D 83 -11.20 22.73 12.14
C THR D 83 -12.42 23.56 12.57
N HIS D 84 -12.43 24.84 12.20
CA HIS D 84 -13.49 25.75 12.62
C HIS D 84 -14.41 26.32 11.59
N THR D 85 -15.39 27.07 12.09
CA THR D 85 -16.37 27.77 11.27
C THR D 85 -16.50 29.10 11.99
N PHE D 86 -17.07 30.08 11.30
CA PHE D 86 -17.28 31.40 11.89
C PHE D 86 -18.76 31.58 12.06
N VAL D 87 -19.18 31.94 13.28
CA VAL D 87 -20.60 32.13 13.53
C VAL D 87 -20.87 33.43 14.29
N LYS D 88 -21.95 34.11 13.92
CA LYS D 88 -22.31 35.37 14.58
C LYS D 88 -22.64 35.16 16.05
N ALA D 89 -22.18 36.07 16.90
CA ALA D 89 -22.44 35.98 18.33
C ALA D 89 -22.36 37.34 19.00
N LEU D 90 -23.14 37.50 20.06
CA LEU D 90 -23.16 38.72 20.82
C LEU D 90 -21.94 38.66 21.71
N THR D 91 -21.03 39.57 21.45
CA THR D 91 -19.76 39.65 22.15
C THR D 91 -19.50 41.00 22.82
N MET D 92 -18.31 41.13 23.39
CA MET D 92 -17.95 42.37 24.07
C MET D 92 -16.51 42.80 23.85
N ASP D 93 -16.39 44.06 23.43
CA ASP D 93 -15.10 44.71 23.20
C ASP D 93 -15.31 46.08 23.84
N GLY D 94 -14.96 46.18 25.13
CA GLY D 94 -15.15 47.43 25.85
C GLY D 94 -16.62 47.53 26.24
N LYS D 95 -17.17 48.73 26.17
CA LYS D 95 -18.57 48.93 26.52
C LYS D 95 -19.34 48.71 25.22
N GLN D 96 -18.74 47.92 24.35
CA GLN D 96 -19.33 47.64 23.08
C GLN D 96 -19.82 46.22 22.92
N ALA D 97 -21.10 46.02 23.22
CA ALA D 97 -21.70 44.72 23.03
C ALA D 97 -21.97 44.76 21.52
N ALA D 98 -21.50 43.75 20.80
CA ALA D 98 -21.71 43.74 19.36
C ALA D 98 -22.05 42.38 18.80
N TRP D 99 -22.59 42.38 17.59
CA TRP D 99 -23.00 41.19 16.85
C TRP D 99 -21.83 40.83 15.94
N ARG D 100 -20.83 40.11 16.46
CA ARG D 100 -19.65 39.75 15.68
C ARG D 100 -19.44 38.24 15.43
N PHE D 101 -18.73 37.91 14.35
CA PHE D 101 -18.44 36.53 13.98
C PHE D 101 -17.30 36.00 14.80
N ILE D 102 -17.47 34.84 15.41
CA ILE D 102 -16.40 34.27 16.20
C ILE D 102 -16.01 32.92 15.63
N ARG D 103 -14.85 32.45 16.06
CA ARG D 103 -14.29 31.18 15.63
C ARG D 103 -14.76 30.05 16.57
N ILE D 104 -15.38 28.99 16.03
CA ILE D 104 -15.82 27.85 16.87
C ILE D 104 -15.57 26.52 16.17
N ASP D 105 -15.33 25.48 16.96
CA ASP D 105 -15.08 24.15 16.42
C ASP D 105 -16.25 23.67 15.57
N THR D 106 -15.97 23.13 14.38
CA THR D 106 -17.01 22.65 13.48
C THR D 106 -16.79 21.27 12.80
N ALA D 107 -15.55 20.77 12.84
CA ALA D 107 -15.22 19.47 12.26
C ALA D 107 -13.85 18.98 12.71
N CYS D 108 -13.52 17.76 12.33
CA CYS D 108 -12.23 17.16 12.65
C CYS D 108 -11.78 16.57 11.32
N VAL D 109 -10.67 17.07 10.77
CA VAL D 109 -10.17 16.58 9.49
C VAL D 109 -8.79 15.97 9.62
N CYS D 110 -8.43 15.19 8.60
CA CYS D 110 -7.16 14.51 8.52
C CYS D 110 -6.15 15.38 7.79
N VAL D 111 -5.00 15.59 8.42
CA VAL D 111 -3.93 16.39 7.86
C VAL D 111 -2.86 15.43 7.30
N LEU D 112 -2.62 15.54 6.00
CA LEU D 112 -1.67 14.72 5.29
C LEU D 112 -0.26 15.32 5.27
N SER D 113 0.74 14.45 5.34
CA SER D 113 2.13 14.89 5.33
C SER D 113 3.09 13.80 4.81
N ARG D 114 3.78 14.09 3.71
CA ARG D 114 4.75 13.18 3.14
C ARG D 114 5.91 12.95 4.10
N LYS D 115 6.44 11.73 4.04
CA LYS D 115 7.55 11.29 4.89
C LYS D 115 8.83 10.99 4.13
N ALA D 116 9.92 10.88 4.89
CA ALA D 116 11.26 10.62 4.36
C ALA D 116 11.88 11.94 3.90
#